data_9HAP
#
_entry.id   9HAP
#
_cell.length_a   1.00
_cell.length_b   1.00
_cell.length_c   1.00
_cell.angle_alpha   90.00
_cell.angle_beta   90.00
_cell.angle_gamma   90.00
#
_symmetry.space_group_name_H-M   'P 1'
#
loop_
_entity.id
_entity.type
_entity.pdbx_description
1 polymer 'Synthetic antibody, anti-BRIL Fab fragment, Heavy chain'
2 polymer 'anti-BRIL Fab Nanobody'
3 polymer 'Synthetic antibody, anti-BRIL Fab fragment, Light chain'
4 polymer 'Vasopressin V2 receptor,Soluble cytochrome b562'
5 non-polymer (R)-Tolvaptan
#
loop_
_entity_poly.entity_id
_entity_poly.type
_entity_poly.pdbx_seq_one_letter_code
_entity_poly.pdbx_strand_id
1 'polypeptide(L)'
;EISEVQLVESGGGLVQPGGSLRLSCAASGFNVVDFSLHWVRQAPGKGLEWVAYISSSSGSTSYADSVKGRFTISADTSKN
TAYLQMNSLRAEDTAVYYCARWGYWPGEPWWKAFDYWGQGTLVTVSSASTKGPSVFPLAPSSKSTSGGTAALGCLVKDYF
PEPVTVSWNSGALTSGVHTFPAVLQSSGLYSLSSVVTVPSSSLGTQTYICNVNHKPSNTKVDKKVEPKSCD
;
H
2 'polypeptide(L)'
;AQPAMAQVQLQESGGGLVQPGGSLRLSCAASGRTISRYAMSWFRQAPGKEREFVAVARRSGDGAFYADSVQGRFTVSRDD
AKNTVYLQMNSLKPEDTAVYYCAIDSDTFYSGSYDYWGQGTQVTVSSLEDYKDDKHHHHHH
;
K
3 'polypeptide(L)'
;DIQMTQSPSSLSASVGDRVTITCRASQSVSSAVAWYQQKPGKAPKLLIYSASSLYSGVPSRFSGSRSGTDFTLTISSLQP
EDFATYYCQQYLYYSLVTFGQGTKVEIKRTVAAPSVFIFPPSDEQLKSGTASVVCLLNNFYPREAKVQWKVDNALQSGNS
QESVTEQDSKDSTYSLSSTLTLSKADYEKHKVYACEVTHQGLSSPVTKSFNRGEC
;
L
4 'polypeptide(L)'
;MKTIIALSYIFCLVFADYKDDDDAWSHPQFEKGGGSGGGSGGGSWSHPQFEKLEVLQGPDYKDDDDAASTTSAVPGHPSL
PSLPSQSSQERPLDTRDPLLARAELALLSIVFVAVALSNGLVLAALARRGRRGHWAPIHVFIGHLCLADLAVALFQVLPQ
LAWKATDRFRGPDALCRAVKYLQMVGMYASSYMILAMTLDRHRAICRPMLAYRHGSGAHWNRPVLVAWAFSLLLSLPQLF
IFAQRNVEGGSGVTDCWACFAEPWGRRTYVTWIALMVFVAPTLGIAACQVLIFREIHASLVPGPSERPGGRRRGRRTGSP
GEGAHVSAAVAKTVRMTLVIVVVYVLCWAPFFLVQLWAAWDPEAPLEGAPFVLLMLLASLNSCTNPWIYASFSSSVSSEL
RSLLCCARGRTPPSLGPQDESCTTASSSLAKDTSSARRQLADLEDNWETLNDNLKVIEKADNAAQVKDALTKMRAAALDA
QKATPPKLEDKSPDSPEMKDFRHGFDILVGQIDDALKLANEGKVKEAQAAAEQLKTTRNAYIQKYLRARSTL
;
R
#
loop_
_chem_comp.id
_chem_comp.type
_chem_comp.name
_chem_comp.formula
A1IT8 non-polymer (R)-Tolvaptan 'C26 H25 Cl N2 O3'
#
# COMPACT_ATOMS: atom_id res chain seq x y z
N GLU A 4 1.59 -20.81 24.82
CA GLU A 4 2.20 -19.85 23.90
C GLU A 4 3.69 -20.12 23.74
N VAL A 5 4.28 -19.54 22.69
CA VAL A 5 5.72 -19.62 22.46
C VAL A 5 6.28 -18.21 22.49
N GLN A 6 7.54 -18.09 22.92
CA GLN A 6 8.13 -16.77 23.13
C GLN A 6 9.64 -16.88 23.04
N LEU A 7 10.28 -15.72 22.93
CA LEU A 7 11.73 -15.60 22.94
C LEU A 7 12.13 -14.55 23.97
N VAL A 8 13.06 -14.91 24.85
CA VAL A 8 13.58 -13.99 25.85
C VAL A 8 15.06 -13.78 25.58
N GLU A 9 15.57 -12.64 26.04
CA GLU A 9 16.96 -12.27 25.82
C GLU A 9 17.65 -12.02 27.15
N SER A 10 18.96 -12.25 27.17
CA SER A 10 19.76 -12.08 28.37
C SER A 10 21.19 -11.75 27.97
N GLY A 11 21.98 -11.31 28.94
CA GLY A 11 23.37 -10.98 28.72
C GLY A 11 23.65 -9.54 28.37
N GLY A 12 22.62 -8.72 28.18
CA GLY A 12 22.86 -7.31 27.93
C GLY A 12 23.36 -6.60 29.17
N GLY A 13 24.14 -5.55 28.95
CA GLY A 13 24.71 -4.82 30.06
C GLY A 13 25.71 -3.79 29.57
N LEU A 14 26.62 -3.42 30.48
CA LEU A 14 27.60 -2.36 30.25
C LEU A 14 28.98 -2.97 30.14
N VAL A 15 29.67 -2.70 29.04
CA VAL A 15 31.05 -3.12 28.84
C VAL A 15 31.85 -1.95 28.29
N GLN A 16 33.16 -2.00 28.49
CA GLN A 16 34.05 -0.99 27.96
C GLN A 16 34.18 -1.15 26.45
N PRO A 17 34.52 -0.07 25.73
CA PRO A 17 34.76 -0.19 24.30
C PRO A 17 35.92 -1.13 24.01
N GLY A 18 35.76 -1.94 22.95
CA GLY A 18 36.73 -2.95 22.62
C GLY A 18 36.64 -4.23 23.42
N GLY A 19 35.63 -4.35 24.27
CA GLY A 19 35.44 -5.53 25.09
C GLY A 19 34.64 -6.60 24.36
N SER A 20 34.11 -7.54 25.14
CA SER A 20 33.37 -8.66 24.59
C SER A 20 32.14 -8.93 25.46
N LEU A 21 31.08 -9.42 24.80
CA LEU A 21 29.83 -9.72 25.49
C LEU A 21 29.05 -10.74 24.69
N ARG A 22 28.52 -11.75 25.35
CA ARG A 22 27.77 -12.81 24.69
C ARG A 22 26.31 -12.69 25.05
N LEU A 23 25.51 -12.16 24.13
CA LEU A 23 24.07 -12.13 24.31
C LEU A 23 23.49 -13.52 24.09
N SER A 24 22.40 -13.80 24.80
CA SER A 24 21.71 -15.08 24.70
C SER A 24 20.24 -14.86 24.41
N CYS A 25 19.65 -15.82 23.70
CA CYS A 25 18.24 -15.75 23.31
C CYS A 25 17.64 -17.13 23.53
N ALA A 26 16.86 -17.27 24.60
CA ALA A 26 16.20 -18.52 24.94
C ALA A 26 14.81 -18.53 24.34
N ALA A 27 14.54 -19.49 23.47
CA ALA A 27 13.24 -19.66 22.84
C ALA A 27 12.50 -20.81 23.51
N SER A 28 11.27 -20.56 23.91
CA SER A 28 10.44 -21.55 24.58
C SER A 28 9.14 -21.74 23.81
N GLY A 29 8.70 -23.00 23.74
CA GLY A 29 7.48 -23.35 23.04
C GLY A 29 7.67 -23.85 21.62
N PHE A 30 8.84 -23.60 21.03
CA PHE A 30 9.15 -24.09 19.70
C PHE A 30 10.63 -24.43 19.63
N ASN A 31 10.98 -25.25 18.64
CA ASN A 31 12.35 -25.72 18.48
C ASN A 31 13.12 -24.82 17.53
N VAL A 32 14.42 -24.69 17.79
CA VAL A 32 15.27 -23.87 16.93
C VAL A 32 15.56 -24.54 15.59
N VAL A 33 15.42 -25.86 15.51
CA VAL A 33 15.65 -26.56 14.25
C VAL A 33 14.56 -26.30 13.23
N ASP A 34 13.47 -25.66 13.62
CA ASP A 34 12.37 -25.37 12.71
C ASP A 34 12.37 -23.93 12.21
N PHE A 35 13.12 -23.03 12.86
CA PHE A 35 13.12 -21.62 12.51
C PHE A 35 14.54 -21.08 12.54
N SER A 36 14.86 -20.23 11.56
CA SER A 36 16.10 -19.49 11.60
C SER A 36 15.97 -18.33 12.57
N LEU A 37 17.04 -18.06 13.32
CA LEU A 37 17.02 -17.04 14.36
C LEU A 37 17.85 -15.85 13.93
N HIS A 38 17.24 -14.66 13.99
CA HIS A 38 17.88 -13.43 13.57
C HIS A 38 18.05 -12.50 14.76
N TRP A 39 19.16 -11.77 14.76
CA TRP A 39 19.43 -10.72 15.72
C TRP A 39 19.34 -9.38 14.99
N VAL A 40 18.44 -8.53 15.47
CA VAL A 40 18.21 -7.20 14.93
C VAL A 40 18.57 -6.18 16.00
N ARG A 41 19.01 -5.01 15.57
CA ARG A 41 19.54 -3.99 16.46
C ARG A 41 18.87 -2.66 16.19
N GLN A 42 18.48 -1.95 17.25
CA GLN A 42 17.88 -0.63 17.14
C GLN A 42 18.63 0.33 18.05
N ALA A 43 19.30 1.31 17.47
CA ALA A 43 20.01 2.31 18.25
C ALA A 43 19.00 3.21 18.98
N PRO A 44 19.39 3.80 20.11
CA PRO A 44 18.48 4.71 20.81
C PRO A 44 18.20 5.95 19.98
N GLY A 45 16.93 6.11 19.60
CA GLY A 45 16.52 7.22 18.77
C GLY A 45 16.62 6.98 17.27
N LYS A 46 17.09 5.80 16.86
CA LYS A 46 17.23 5.46 15.45
C LYS A 46 16.33 4.28 15.12
N GLY A 47 16.32 3.91 13.83
CA GLY A 47 15.45 2.84 13.36
C GLY A 47 16.08 1.47 13.49
N LEU A 48 15.33 0.47 13.02
CA LEU A 48 15.76 -0.91 13.09
C LEU A 48 16.85 -1.19 12.07
N GLU A 49 17.73 -2.13 12.41
CA GLU A 49 18.84 -2.51 11.54
C GLU A 49 19.16 -3.99 11.78
N TRP A 50 19.09 -4.78 10.72
CA TRP A 50 19.42 -6.20 10.83
C TRP A 50 20.90 -6.40 11.10
N VAL A 51 21.21 -7.36 11.96
CA VAL A 51 22.59 -7.61 12.35
C VAL A 51 23.05 -8.98 11.86
N ALA A 52 22.36 -10.04 12.28
CA ALA A 52 22.90 -11.37 11.98
C ALA A 52 21.76 -12.38 11.90
N TYR A 53 22.07 -13.53 11.31
CA TYR A 53 21.12 -14.63 11.26
C TYR A 53 21.86 -15.95 11.31
N ILE A 54 21.19 -16.94 11.91
CA ILE A 54 21.72 -18.29 12.05
C ILE A 54 20.64 -19.28 11.65
N SER A 55 21.02 -20.29 10.87
CA SER A 55 20.16 -21.39 10.48
C SER A 55 20.66 -22.63 11.22
N SER A 56 19.92 -23.04 12.25
CA SER A 56 20.37 -24.13 13.09
C SER A 56 20.48 -25.44 12.32
N SER A 57 19.53 -25.70 11.41
CA SER A 57 19.50 -26.99 10.71
C SER A 57 20.65 -27.11 9.72
N SER A 58 20.73 -26.18 8.77
CA SER A 58 21.76 -26.26 7.74
C SER A 58 23.11 -25.74 8.21
N GLY A 59 23.18 -25.06 9.34
CA GLY A 59 24.42 -24.52 9.84
C GLY A 59 24.91 -23.28 9.12
N SER A 60 24.09 -22.68 8.26
CA SER A 60 24.48 -21.49 7.53
C SER A 60 24.21 -20.25 8.36
N THR A 61 25.15 -19.31 8.34
CA THR A 61 25.05 -18.09 9.13
C THR A 61 25.49 -16.91 8.28
N SER A 62 24.99 -15.72 8.63
CA SER A 62 25.40 -14.53 7.92
C SER A 62 25.32 -13.33 8.86
N TYR A 63 26.07 -12.29 8.50
CA TYR A 63 26.15 -11.07 9.30
C TYR A 63 26.06 -9.87 8.37
N ALA A 64 25.75 -8.72 8.97
CA ALA A 64 25.75 -7.46 8.24
C ALA A 64 27.18 -6.96 8.05
N ASP A 65 27.33 -5.95 7.19
CA ASP A 65 28.65 -5.42 6.88
C ASP A 65 29.28 -4.74 8.10
N SER A 66 28.48 -4.03 8.88
CA SER A 66 29.00 -3.28 10.01
C SER A 66 29.43 -4.17 11.17
N VAL A 67 28.94 -5.41 11.23
CA VAL A 67 29.28 -6.33 12.30
C VAL A 67 29.98 -7.57 11.78
N LYS A 68 30.40 -7.57 10.52
CA LYS A 68 31.05 -8.74 9.94
C LYS A 68 32.46 -8.87 10.48
N GLY A 69 32.80 -10.07 10.97
CA GLY A 69 34.09 -10.35 11.54
C GLY A 69 34.18 -10.09 13.03
N ARG A 70 33.43 -9.13 13.56
CA ARG A 70 33.44 -8.84 14.98
C ARG A 70 32.41 -9.65 15.76
N PHE A 71 31.32 -10.05 15.13
CA PHE A 71 30.25 -10.80 15.79
C PHE A 71 30.27 -12.25 15.31
N THR A 72 29.84 -13.16 16.19
CA THR A 72 29.76 -14.57 15.88
C THR A 72 28.49 -15.13 16.50
N ILE A 73 27.60 -15.66 15.67
CA ILE A 73 26.30 -16.16 16.13
C ILE A 73 26.29 -17.68 15.99
N SER A 74 25.86 -18.35 17.05
CA SER A 74 25.79 -19.81 17.10
C SER A 74 24.48 -20.22 17.73
N ALA A 75 24.18 -21.52 17.63
CA ALA A 75 22.93 -22.07 18.15
C ALA A 75 23.24 -23.29 19.01
N ASP A 76 22.34 -23.55 19.98
CA ASP A 76 22.45 -24.70 20.86
C ASP A 76 21.05 -25.28 21.00
N THR A 77 20.78 -26.37 20.27
CA THR A 77 19.46 -26.98 20.29
C THR A 77 19.20 -27.78 21.56
N SER A 78 20.25 -28.12 22.32
CA SER A 78 20.05 -28.80 23.59
C SER A 78 19.31 -27.90 24.57
N LYS A 79 19.61 -26.61 24.57
CA LYS A 79 18.94 -25.63 25.42
C LYS A 79 17.96 -24.76 24.65
N ASN A 80 17.83 -24.97 23.33
CA ASN A 80 16.98 -24.14 22.47
C ASN A 80 17.36 -22.67 22.58
N THR A 81 18.65 -22.39 22.50
CA THR A 81 19.17 -21.04 22.67
C THR A 81 20.00 -20.61 21.47
N ALA A 82 20.11 -19.30 21.30
CA ALA A 82 21.01 -18.70 20.33
C ALA A 82 21.98 -17.78 21.06
N TYR A 83 23.21 -17.74 20.58
CA TYR A 83 24.28 -16.97 21.21
C TYR A 83 24.88 -16.00 20.20
N LEU A 84 25.02 -14.75 20.59
CA LEU A 84 25.67 -13.73 19.78
C LEU A 84 26.86 -13.21 20.57
N GLN A 85 28.06 -13.70 20.23
CA GLN A 85 29.29 -13.22 20.83
C GLN A 85 29.75 -11.99 20.08
N MET A 86 29.83 -10.86 20.77
CA MET A 86 30.21 -9.59 20.19
C MET A 86 31.57 -9.19 20.74
N ASN A 87 32.52 -8.91 19.84
CA ASN A 87 33.87 -8.52 20.20
C ASN A 87 34.22 -7.22 19.50
N SER A 88 35.18 -6.50 20.07
CA SER A 88 35.64 -5.21 19.54
C SER A 88 34.48 -4.24 19.39
N LEU A 89 33.68 -4.14 20.45
CA LEU A 89 32.47 -3.31 20.44
C LEU A 89 32.84 -1.84 20.35
N ARG A 90 32.62 -1.23 19.19
CA ARG A 90 32.86 0.19 19.03
C ARG A 90 31.73 0.98 19.68
N ALA A 91 31.88 2.31 19.70
CA ALA A 91 30.91 3.17 20.35
C ALA A 91 29.56 3.17 19.63
N GLU A 92 29.49 2.68 18.40
CA GLU A 92 28.25 2.68 17.64
C GLU A 92 27.37 1.49 17.94
N ASP A 93 27.79 0.60 18.83
CA ASP A 93 27.04 -0.61 19.15
C ASP A 93 26.11 -0.45 20.35
N THR A 94 26.03 0.74 20.92
CA THR A 94 25.07 1.00 21.99
C THR A 94 23.67 1.00 21.39
N ALA A 95 22.86 0.00 21.73
CA ALA A 95 21.55 -0.15 21.12
C ALA A 95 20.74 -1.15 21.94
N VAL A 96 19.59 -1.54 21.41
CA VAL A 96 18.76 -2.59 21.96
C VAL A 96 18.69 -3.72 20.93
N TYR A 97 18.96 -4.94 21.37
CA TYR A 97 19.02 -6.10 20.49
C TYR A 97 17.79 -6.97 20.69
N TYR A 98 17.13 -7.29 19.58
CA TYR A 98 15.96 -8.15 19.55
C TYR A 98 16.29 -9.45 18.84
N CYS A 99 15.71 -10.54 19.33
CA CYS A 99 15.93 -11.87 18.78
C CYS A 99 14.61 -12.35 18.17
N ALA A 100 14.55 -12.38 16.85
CA ALA A 100 13.36 -12.74 16.11
C ALA A 100 13.54 -14.11 15.47
N ARG A 101 12.40 -14.74 15.15
CA ARG A 101 12.40 -16.02 14.48
C ARG A 101 11.82 -15.87 13.08
N TRP A 102 12.17 -16.80 12.20
CA TRP A 102 11.72 -16.76 10.82
C TRP A 102 11.56 -18.18 10.31
N GLY A 103 10.45 -18.46 9.64
CA GLY A 103 10.18 -19.79 9.16
C GLY A 103 11.05 -20.17 7.98
N TYR A 104 10.96 -21.44 7.61
CA TYR A 104 11.78 -22.02 6.55
C TYR A 104 10.98 -22.19 5.28
N TRP A 105 11.63 -21.89 4.15
CA TRP A 105 11.03 -22.17 2.85
C TRP A 105 10.91 -23.69 2.65
N PRO A 106 9.84 -24.17 2.03
CA PRO A 106 8.70 -23.43 1.45
C PRO A 106 7.51 -23.30 2.39
N GLY A 107 6.46 -22.64 1.92
CA GLY A 107 5.21 -22.55 2.66
C GLY A 107 4.99 -21.17 3.23
N GLU A 108 3.89 -21.05 3.96
CA GLU A 108 3.47 -19.81 4.61
C GLU A 108 4.39 -19.36 5.76
N PRO A 109 5.04 -20.27 6.50
CA PRO A 109 5.96 -19.80 7.55
C PRO A 109 7.07 -18.90 7.03
N TRP A 110 7.54 -19.09 5.80
CA TRP A 110 8.56 -18.19 5.27
C TRP A 110 7.98 -16.81 4.98
N TRP A 111 6.71 -16.74 4.57
CA TRP A 111 6.11 -15.45 4.27
C TRP A 111 5.84 -14.63 5.53
N LYS A 112 5.66 -15.29 6.67
CA LYS A 112 5.49 -14.60 7.93
C LYS A 112 6.88 -14.23 8.45
N ALA A 113 7.35 -13.05 8.05
CA ALA A 113 8.68 -12.58 8.38
C ALA A 113 8.67 -11.93 9.76
N PHE A 114 9.51 -12.45 10.66
CA PHE A 114 9.64 -11.91 12.02
C PHE A 114 8.29 -11.82 12.71
N ASP A 115 7.59 -12.97 12.74
CA ASP A 115 6.26 -12.99 13.34
C ASP A 115 6.33 -12.76 14.85
N TYR A 116 7.30 -13.36 15.53
CA TYR A 116 7.47 -13.21 16.97
C TYR A 116 8.84 -12.61 17.25
N TRP A 117 8.88 -11.67 18.20
CA TRP A 117 10.10 -11.01 18.63
C TRP A 117 10.34 -11.26 20.11
N GLY A 118 11.54 -10.91 20.57
CA GLY A 118 11.84 -10.85 21.98
C GLY A 118 11.83 -9.41 22.47
N GLN A 119 11.84 -9.27 23.80
CA GLN A 119 11.80 -7.94 24.39
C GLN A 119 13.09 -7.16 24.17
N GLY A 120 14.19 -7.84 23.85
CA GLY A 120 15.43 -7.16 23.58
C GLY A 120 16.21 -6.84 24.85
N THR A 121 17.52 -6.65 24.67
CA THR A 121 18.40 -6.27 25.75
C THR A 121 19.22 -5.06 25.35
N LEU A 122 19.50 -4.19 26.32
CA LEU A 122 20.22 -2.95 26.08
C LEU A 122 21.72 -3.20 26.24
N VAL A 123 22.48 -2.97 25.19
CA VAL A 123 23.94 -3.10 25.21
C VAL A 123 24.53 -1.71 25.05
N THR A 124 25.28 -1.27 26.05
CA THR A 124 25.89 0.05 26.07
C THR A 124 27.39 -0.08 26.30
N VAL A 125 28.18 0.62 25.50
CA VAL A 125 29.63 0.63 25.60
C VAL A 125 30.09 2.06 25.87
N SER A 126 30.95 2.21 26.86
CA SER A 126 31.42 3.52 27.28
C SER A 126 32.59 3.32 28.24
N SER A 127 33.49 4.30 28.25
CA SER A 127 34.67 4.27 29.11
C SER A 127 34.46 4.98 30.43
N ALA A 128 33.28 5.52 30.69
CA ALA A 128 33.00 6.26 31.91
C ALA A 128 32.49 5.33 33.01
N SER A 129 32.74 5.72 34.25
CA SER A 129 32.37 4.93 35.42
C SER A 129 31.20 5.59 36.14
N THR A 130 30.64 4.83 37.10
CA THR A 130 29.47 5.28 37.82
C THR A 130 29.80 6.44 38.74
N LYS A 131 28.99 7.51 38.68
CA LYS A 131 29.13 8.63 39.59
C LYS A 131 27.76 9.28 39.77
N GLY A 132 27.62 10.01 40.88
CA GLY A 132 26.38 10.68 41.20
C GLY A 132 26.19 11.96 40.41
N PRO A 133 24.94 12.37 40.24
CA PRO A 133 24.67 13.60 39.49
C PRO A 133 24.90 14.85 40.32
N SER A 134 25.18 15.95 39.61
CA SER A 134 25.32 17.26 40.22
C SER A 134 24.06 18.06 39.92
N VAL A 135 23.36 18.47 40.98
CA VAL A 135 22.06 19.11 40.87
C VAL A 135 22.24 20.62 41.01
N PHE A 136 21.68 21.37 40.08
CA PHE A 136 21.74 22.82 40.11
C PHE A 136 20.35 23.41 39.93
N PRO A 137 20.01 24.46 40.67
CA PRO A 137 18.66 25.04 40.58
C PRO A 137 18.53 26.09 39.48
N LEU A 138 17.65 25.82 38.52
CA LEU A 138 17.24 26.82 37.54
C LEU A 138 16.15 27.66 38.19
N ALA A 139 16.55 28.83 38.68
CA ALA A 139 15.71 29.66 39.56
C ALA A 139 14.62 30.36 38.77
N PRO A 140 13.46 30.61 39.40
CA PRO A 140 12.39 31.37 38.74
C PRO A 140 12.68 32.86 38.72
N SER A 141 13.39 33.33 37.69
CA SER A 141 13.73 34.74 37.59
C SER A 141 12.47 35.60 37.66
N SER A 142 12.54 36.65 38.48
CA SER A 142 11.36 37.47 38.75
C SER A 142 10.87 38.20 37.51
N LYS A 143 11.80 38.67 36.68
CA LYS A 143 11.43 39.46 35.50
C LYS A 143 10.72 38.62 34.44
N SER A 144 10.81 37.30 34.52
CA SER A 144 10.19 36.42 33.54
C SER A 144 8.71 36.28 33.86
N THR A 145 7.86 36.88 33.01
CA THR A 145 6.40 36.79 33.09
C THR A 145 5.91 37.11 34.50
N SER A 146 6.17 38.35 34.91
CA SER A 146 5.77 38.81 36.23
C SER A 146 4.26 38.94 36.32
N GLY A 147 3.69 38.45 37.42
CA GLY A 147 2.27 38.54 37.66
C GLY A 147 1.45 37.43 37.04
N GLY A 148 2.06 36.54 36.26
CA GLY A 148 1.33 35.45 35.64
C GLY A 148 1.76 34.10 36.18
N THR A 149 2.39 33.29 35.34
CA THR A 149 2.94 32.00 35.74
C THR A 149 4.40 31.92 35.33
N ALA A 150 5.22 31.34 36.20
CA ALA A 150 6.65 31.22 35.99
C ALA A 150 7.06 29.75 36.04
N ALA A 151 8.34 29.50 35.81
CA ALA A 151 8.87 28.15 35.74
C ALA A 151 10.10 28.01 36.62
N LEU A 152 10.15 26.92 37.37
CA LEU A 152 11.33 26.51 38.13
C LEU A 152 11.94 25.29 37.46
N GLY A 153 13.18 24.96 37.85
CA GLY A 153 13.79 23.77 37.30
C GLY A 153 14.93 23.25 38.13
N CYS A 154 15.24 21.97 37.93
CA CYS A 154 16.43 21.33 38.47
C CYS A 154 17.18 20.64 37.35
N LEU A 155 18.49 20.91 37.27
CA LEU A 155 19.34 20.37 36.22
C LEU A 155 20.38 19.45 36.83
N VAL A 156 20.36 18.18 36.43
CA VAL A 156 21.41 17.22 36.77
C VAL A 156 22.33 17.12 35.57
N LYS A 157 23.64 17.28 35.81
CA LYS A 157 24.57 17.52 34.72
C LYS A 157 25.46 16.32 34.39
N ASP A 158 26.09 15.70 35.39
CA ASP A 158 27.07 14.65 35.15
C ASP A 158 26.72 13.42 35.98
N TYR A 159 25.99 12.49 35.37
CA TYR A 159 25.77 11.17 35.94
C TYR A 159 25.83 10.16 34.81
N PHE A 160 26.63 9.11 34.99
CA PHE A 160 26.89 8.16 33.92
C PHE A 160 25.78 7.12 33.72
N PRO A 161 25.29 6.45 34.77
CA PRO A 161 24.19 5.49 34.55
C PRO A 161 22.90 6.23 34.20
N GLU A 162 22.37 5.93 33.02
CA GLU A 162 21.25 6.71 32.49
C GLU A 162 20.00 6.75 33.36
N PRO A 163 19.52 5.63 33.95
CA PRO A 163 18.26 5.71 34.70
C PRO A 163 18.37 6.54 35.98
N VAL A 164 17.74 7.72 35.96
CA VAL A 164 17.64 8.58 37.14
C VAL A 164 16.19 9.00 37.29
N THR A 165 15.79 9.32 38.52
CA THR A 165 14.42 9.69 38.82
C THR A 165 14.39 11.10 39.41
N VAL A 166 13.48 11.93 38.92
CA VAL A 166 13.29 13.28 39.42
C VAL A 166 11.85 13.44 39.87
N SER A 167 11.67 13.86 41.12
CA SER A 167 10.36 14.15 41.68
C SER A 167 10.35 15.57 42.24
N TRP A 168 9.16 16.13 42.42
CA TRP A 168 8.99 17.48 42.94
C TRP A 168 8.13 17.45 44.20
N ASN A 169 8.66 18.06 45.27
CA ASN A 169 7.95 18.15 46.56
C ASN A 169 7.51 16.78 47.05
N SER A 170 8.40 15.79 46.91
CA SER A 170 8.15 14.42 47.35
C SER A 170 6.90 13.84 46.69
N GLY A 171 6.70 14.13 45.41
CA GLY A 171 5.58 13.63 44.67
C GLY A 171 4.29 14.41 44.82
N ALA A 172 4.30 15.51 45.58
CA ALA A 172 3.10 16.31 45.77
C ALA A 172 2.81 17.25 44.61
N LEU A 173 3.78 17.45 43.71
CA LEU A 173 3.63 18.35 42.58
C LEU A 173 3.69 17.53 41.29
N THR A 174 2.56 17.45 40.59
CA THR A 174 2.46 16.62 39.40
C THR A 174 1.96 17.42 38.20
N SER A 175 1.15 18.44 38.45
CA SER A 175 0.56 19.23 37.38
C SER A 175 1.58 20.24 36.88
N GLY A 176 2.04 20.06 35.64
CA GLY A 176 2.93 21.01 34.99
C GLY A 176 4.38 20.58 34.90
N VAL A 177 4.78 19.51 35.57
CA VAL A 177 6.18 19.10 35.59
C VAL A 177 6.51 18.38 34.29
N HIS A 178 7.61 18.79 33.66
CA HIS A 178 8.13 18.15 32.46
C HIS A 178 9.55 17.71 32.72
N THR A 179 9.81 16.40 32.60
CA THR A 179 11.14 15.82 32.79
C THR A 179 11.67 15.41 31.43
N PHE A 180 12.68 16.14 30.94
CA PHE A 180 13.19 15.91 29.61
C PHE A 180 14.01 14.63 29.56
N PRO A 181 14.07 13.97 28.39
CA PRO A 181 14.92 12.78 28.27
C PRO A 181 16.39 13.14 28.44
N ALA A 182 17.14 12.19 29.00
CA ALA A 182 18.57 12.40 29.22
C ALA A 182 19.31 12.42 27.88
N VAL A 183 20.16 13.42 27.71
CA VAL A 183 20.97 13.56 26.49
C VAL A 183 22.41 13.17 26.82
N LEU A 184 23.10 12.62 25.84
CA LEU A 184 24.47 12.16 26.02
C LEU A 184 25.44 13.29 25.67
N GLN A 185 26.23 13.73 26.64
CA GLN A 185 27.17 14.82 26.45
C GLN A 185 28.42 14.32 25.74
N SER A 186 29.27 15.27 25.34
CA SER A 186 30.53 14.94 24.70
C SER A 186 31.53 14.33 25.68
N SER A 187 31.28 14.42 26.97
CA SER A 187 32.16 13.84 27.98
C SER A 187 31.78 12.42 28.36
N GLY A 188 30.77 11.84 27.71
CA GLY A 188 30.35 10.49 28.00
C GLY A 188 29.35 10.34 29.12
N LEU A 189 28.85 11.44 29.67
CA LEU A 189 27.87 11.41 30.75
C LEU A 189 26.57 12.04 30.29
N TYR A 190 25.50 11.77 31.04
CA TYR A 190 24.16 12.19 30.68
C TYR A 190 23.76 13.44 31.44
N SER A 191 23.03 14.33 30.74
CA SER A 191 22.50 15.55 31.33
C SER A 191 20.99 15.55 31.18
N LEU A 192 20.30 15.91 32.25
CA LEU A 192 18.84 15.92 32.28
C LEU A 192 18.35 17.18 32.99
N SER A 193 17.19 17.66 32.56
CA SER A 193 16.56 18.83 33.17
C SER A 193 15.10 18.51 33.47
N SER A 194 14.61 18.99 34.60
CA SER A 194 13.22 18.80 35.00
C SER A 194 12.66 20.15 35.41
N VAL A 195 11.68 20.64 34.64
CA VAL A 195 11.09 21.95 34.89
C VAL A 195 9.67 21.77 35.38
N VAL A 196 9.15 22.83 36.01
CA VAL A 196 7.78 22.84 36.51
C VAL A 196 7.23 24.26 36.35
N THR A 197 5.96 24.34 35.96
CA THR A 197 5.28 25.61 35.72
C THR A 197 4.30 25.87 36.86
N VAL A 198 4.57 26.93 37.64
CA VAL A 198 3.72 27.28 38.77
C VAL A 198 3.33 28.74 38.69
N PRO A 199 2.19 29.12 39.25
CA PRO A 199 1.79 30.53 39.25
C PRO A 199 2.69 31.38 40.14
N SER A 200 3.07 32.55 39.62
CA SER A 200 4.01 33.41 40.34
C SER A 200 3.42 33.98 41.63
N SER A 201 2.10 33.92 41.81
CA SER A 201 1.51 34.41 43.05
C SER A 201 1.87 33.54 44.25
N SER A 202 2.22 32.28 44.02
CA SER A 202 2.54 31.34 45.10
C SER A 202 4.03 31.04 45.18
N LEU A 203 4.87 31.87 44.55
CA LEU A 203 6.31 31.66 44.61
C LEU A 203 6.84 31.87 46.03
N GLY A 204 6.45 32.97 46.67
CA GLY A 204 6.93 33.25 48.01
C GLY A 204 6.29 32.39 49.07
N THR A 205 5.04 31.94 48.84
CA THR A 205 4.34 31.15 49.84
C THR A 205 4.76 29.68 49.77
N GLN A 206 4.56 29.05 48.63
CA GLN A 206 4.92 27.64 48.48
C GLN A 206 6.43 27.47 48.37
N THR A 207 6.90 26.30 48.78
CA THR A 207 8.30 25.92 48.69
C THR A 207 8.44 24.75 47.72
N TYR A 208 9.49 24.80 46.89
CA TYR A 208 9.71 23.80 45.85
C TYR A 208 11.07 23.16 46.09
N ILE A 209 11.07 21.83 46.28
CA ILE A 209 12.28 21.05 46.52
C ILE A 209 12.25 19.86 45.58
N CYS A 210 13.24 19.76 44.70
CA CYS A 210 13.35 18.65 43.77
C CYS A 210 14.19 17.53 44.38
N ASN A 211 13.77 16.29 44.15
CA ASN A 211 14.43 15.10 44.66
C ASN A 211 14.95 14.30 43.50
N VAL A 212 16.27 14.12 43.44
CA VAL A 212 16.93 13.31 42.43
C VAL A 212 17.36 12.00 43.07
N ASN A 213 16.98 10.90 42.46
CA ASN A 213 17.22 9.56 42.98
C ASN A 213 17.99 8.78 41.93
N HIS A 214 19.19 8.34 42.29
CA HIS A 214 20.10 7.63 41.38
C HIS A 214 20.57 6.37 42.11
N LYS A 215 19.88 5.25 41.85
CA LYS A 215 20.17 3.97 42.52
C LYS A 215 21.53 3.38 42.19
N PRO A 216 22.03 3.43 40.95
CA PRO A 216 23.36 2.88 40.69
C PRO A 216 24.46 3.53 41.52
N SER A 217 24.31 4.80 41.88
CA SER A 217 25.25 5.48 42.77
C SER A 217 24.73 5.62 44.19
N ASN A 218 23.49 5.18 44.46
CA ASN A 218 22.85 5.32 45.77
C ASN A 218 22.86 6.78 46.23
N THR A 219 22.55 7.68 45.31
CA THR A 219 22.62 9.11 45.56
C THR A 219 21.21 9.69 45.56
N LYS A 220 20.81 10.28 46.68
CA LYS A 220 19.52 10.96 46.81
C LYS A 220 19.80 12.41 47.19
N VAL A 221 19.47 13.33 46.30
CA VAL A 221 19.74 14.75 46.49
C VAL A 221 18.40 15.48 46.55
N ASP A 222 18.17 16.19 47.65
CA ASP A 222 16.98 17.01 47.83
C ASP A 222 17.41 18.47 47.83
N LYS A 223 17.20 19.15 46.70
CA LYS A 223 17.66 20.52 46.52
C LYS A 223 16.47 21.44 46.32
N LYS A 224 16.41 22.52 47.10
CA LYS A 224 15.34 23.48 47.00
C LYS A 224 15.67 24.55 45.96
N VAL A 225 14.63 25.05 45.30
CA VAL A 225 14.75 26.11 44.30
C VAL A 225 13.97 27.32 44.81
N GLU A 226 14.64 28.47 44.86
CA GLU A 226 14.04 29.68 45.37
C GLU A 226 14.30 30.83 44.41
N PRO A 227 13.37 31.77 44.31
CA PRO A 227 13.59 32.94 43.46
C PRO A 227 14.68 33.84 44.01
N LYS A 228 15.35 34.54 43.11
CA LYS A 228 16.45 35.43 43.49
C LYS A 228 15.94 36.85 43.73
N GLN B 7 13.64 38.98 -4.97
CA GLN B 7 12.77 38.98 -6.14
C GLN B 7 11.42 38.34 -5.82
N VAL B 8 11.21 38.01 -4.56
CA VAL B 8 9.99 37.33 -4.12
C VAL B 8 8.97 38.36 -3.70
N GLN B 9 7.82 38.37 -4.36
CA GLN B 9 6.70 39.22 -4.01
C GLN B 9 5.49 38.35 -3.71
N LEU B 10 4.58 38.88 -2.89
CA LEU B 10 3.40 38.14 -2.47
C LEU B 10 2.20 39.06 -2.43
N GLN B 11 1.06 38.58 -2.92
CA GLN B 11 -0.16 39.38 -2.99
C GLN B 11 -1.36 38.57 -2.55
N GLU B 12 -2.28 39.24 -1.86
CA GLU B 12 -3.51 38.63 -1.38
C GLU B 12 -4.71 39.32 -2.02
N SER B 13 -5.80 38.57 -2.14
CA SER B 13 -7.04 39.06 -2.73
C SER B 13 -8.20 38.78 -1.78
N GLY B 14 -9.39 39.19 -2.18
CA GLY B 14 -10.56 39.01 -1.36
C GLY B 14 -10.66 40.03 -0.24
N GLY B 15 -11.62 39.78 0.65
CA GLY B 15 -11.85 40.65 1.78
C GLY B 15 -13.19 41.36 1.73
N GLY B 16 -13.28 42.53 2.35
CA GLY B 16 -14.50 43.30 2.36
C GLY B 16 -15.40 43.00 3.55
N LEU B 17 -16.67 43.34 3.37
CA LEU B 17 -17.69 43.20 4.40
C LEU B 17 -18.45 41.89 4.21
N VAL B 18 -18.56 41.11 5.28
CA VAL B 18 -19.28 39.84 5.26
C VAL B 18 -20.33 39.86 6.36
N GLN B 19 -21.53 39.41 6.02
CA GLN B 19 -22.60 39.31 7.01
C GLN B 19 -22.25 38.27 8.07
N PRO B 20 -22.72 38.43 9.30
CA PRO B 20 -22.48 37.42 10.33
C PRO B 20 -23.04 36.07 9.91
N GLY B 21 -22.27 35.02 10.19
CA GLY B 21 -22.64 33.70 9.76
C GLY B 21 -22.47 33.43 8.27
N GLY B 22 -21.78 34.31 7.56
CA GLY B 22 -21.60 34.19 6.12
C GLY B 22 -20.39 33.37 5.76
N SER B 23 -19.82 33.65 4.59
CA SER B 23 -18.66 32.93 4.09
C SER B 23 -17.83 33.85 3.23
N LEU B 24 -16.57 33.47 3.05
CA LEU B 24 -15.63 34.23 2.24
C LEU B 24 -14.51 33.29 1.80
N ARG B 25 -13.76 33.73 0.78
CA ARG B 25 -12.65 32.93 0.25
C ARG B 25 -11.54 33.89 -0.17
N LEU B 26 -10.46 33.92 0.60
CA LEU B 26 -9.29 34.72 0.27
C LEU B 26 -8.27 33.87 -0.49
N SER B 27 -7.46 34.54 -1.31
CA SER B 27 -6.42 33.87 -2.09
C SER B 27 -5.10 34.59 -1.90
N CYS B 28 -4.02 33.82 -1.82
CA CYS B 28 -2.67 34.36 -1.68
C CYS B 28 -1.78 33.72 -2.73
N ALA B 29 -1.07 34.56 -3.49
CA ALA B 29 -0.21 34.08 -4.56
C ALA B 29 1.13 34.80 -4.50
N ALA B 30 2.20 34.04 -4.73
CA ALA B 30 3.56 34.56 -4.70
C ALA B 30 4.19 34.49 -6.09
N SER B 31 4.82 35.57 -6.49
CA SER B 31 5.54 35.65 -7.75
C SER B 31 7.04 35.79 -7.48
N GLY B 32 7.84 35.14 -8.33
CA GLY B 32 9.27 35.12 -8.15
C GLY B 32 9.80 33.96 -7.33
N ARG B 33 8.92 33.17 -6.73
CA ARG B 33 9.33 31.99 -5.97
C ARG B 33 8.19 30.97 -5.99
N THR B 34 8.54 29.71 -6.15
CA THR B 34 7.54 28.65 -6.25
C THR B 34 6.93 28.37 -4.88
N ILE B 35 5.60 28.25 -4.85
CA ILE B 35 4.91 27.90 -3.61
C ILE B 35 5.28 26.48 -3.17
N SER B 36 5.48 25.59 -4.14
CA SER B 36 5.82 24.21 -3.82
C SER B 36 7.16 24.14 -3.10
N ARG B 37 7.33 23.09 -2.30
CA ARG B 37 8.49 22.83 -1.45
C ARG B 37 8.61 23.82 -0.30
N TYR B 38 7.58 24.63 -0.05
CA TYR B 38 7.54 25.57 1.05
C TYR B 38 6.27 25.34 1.87
N ALA B 39 6.05 26.18 2.86
CA ALA B 39 4.84 26.18 3.67
C ALA B 39 4.22 27.58 3.66
N MET B 40 2.89 27.62 3.68
CA MET B 40 2.15 28.86 3.53
C MET B 40 1.28 29.10 4.75
N SER B 41 1.45 30.26 5.39
CA SER B 41 0.73 30.58 6.62
C SER B 41 -0.17 31.80 6.42
N TRP B 42 -1.31 31.76 7.12
CA TRP B 42 -2.25 32.87 7.16
C TRP B 42 -2.32 33.36 8.60
N PHE B 43 -2.15 34.68 8.78
CA PHE B 43 -2.14 35.33 10.08
C PHE B 43 -3.20 36.43 10.13
N ARG B 44 -3.62 36.75 11.35
CA ARG B 44 -4.60 37.79 11.61
C ARG B 44 -3.94 38.96 12.33
N GLN B 45 -4.52 40.15 12.15
CA GLN B 45 -4.08 41.35 12.87
C GLN B 45 -5.32 42.20 13.12
N ALA B 46 -5.79 42.17 14.36
CA ALA B 46 -6.85 43.07 14.75
C ALA B 46 -6.28 44.48 14.98
N PRO B 47 -7.10 45.52 14.77
CA PRO B 47 -6.60 46.88 14.99
C PRO B 47 -6.16 47.15 16.42
N GLY B 48 -6.69 46.44 17.40
CA GLY B 48 -6.34 46.68 18.78
C GLY B 48 -5.51 45.60 19.44
N LYS B 49 -5.25 44.52 18.70
CA LYS B 49 -4.53 43.36 19.22
C LYS B 49 -3.21 43.20 18.48
N GLU B 50 -2.49 42.12 18.81
CA GLU B 50 -1.21 41.81 18.18
C GLU B 50 -1.44 40.86 17.02
N ARG B 51 -0.35 40.35 16.45
CA ARG B 51 -0.43 39.41 15.34
C ARG B 51 -0.82 38.03 15.88
N GLU B 52 -1.97 37.54 15.44
CA GLU B 52 -2.42 36.21 15.81
C GLU B 52 -2.19 35.23 14.65
N PHE B 53 -2.06 33.96 15.01
CA PHE B 53 -1.93 32.90 14.02
C PHE B 53 -3.31 32.36 13.66
N VAL B 54 -3.51 32.12 12.37
CA VAL B 54 -4.78 31.59 11.86
C VAL B 54 -4.60 30.18 11.33
N ALA B 55 -3.74 29.99 10.33
CA ALA B 55 -3.64 28.68 9.71
C ALA B 55 -2.29 28.52 9.03
N VAL B 56 -1.98 27.26 8.72
CA VAL B 56 -0.74 26.93 8.01
C VAL B 56 -1.00 25.69 7.16
N ALA B 57 -0.44 25.69 5.95
CA ALA B 57 -0.49 24.56 5.04
C ALA B 57 0.92 24.13 4.71
N ARG B 58 1.17 22.83 4.80
CA ARG B 58 2.48 22.24 4.61
C ARG B 58 2.67 21.83 3.15
N ARG B 59 3.71 21.04 2.89
CA ARG B 59 3.99 20.57 1.53
C ARG B 59 3.06 19.41 1.19
N SER B 60 2.23 19.61 0.18
CA SER B 60 1.35 18.59 -0.39
C SER B 60 0.47 17.90 0.66
N GLY B 61 0.74 16.62 0.92
CA GLY B 61 -0.10 15.85 1.81
C GLY B 61 0.40 15.77 3.25
N ASP B 62 1.31 16.66 3.60
CA ASP B 62 1.84 16.66 4.97
C ASP B 62 0.81 17.15 5.98
N GLY B 63 -0.22 17.86 5.54
CA GLY B 63 -1.31 18.26 6.41
C GLY B 63 -1.43 19.77 6.50
N ALA B 64 -2.55 20.19 7.09
CA ALA B 64 -2.85 21.59 7.34
C ALA B 64 -3.29 21.76 8.79
N PHE B 65 -2.85 22.83 9.42
CA PHE B 65 -3.12 23.09 10.83
C PHE B 65 -3.79 24.45 10.99
N TYR B 66 -4.63 24.56 12.01
CA TYR B 66 -5.38 25.79 12.27
C TYR B 66 -5.16 26.22 13.72
N ALA B 67 -5.63 27.42 14.03
CA ALA B 67 -5.57 27.94 15.39
C ALA B 67 -6.68 27.33 16.23
N ASP B 68 -6.73 27.71 17.50
CA ASP B 68 -7.73 27.18 18.41
C ASP B 68 -9.04 27.94 18.34
N SER B 69 -9.09 29.06 17.62
CA SER B 69 -10.30 29.86 17.48
C SER B 69 -10.93 29.75 16.10
N VAL B 70 -10.22 29.20 15.11
CA VAL B 70 -10.72 29.06 13.75
C VAL B 70 -10.77 27.61 13.31
N GLN B 71 -10.53 26.67 14.23
CA GLN B 71 -10.53 25.26 13.86
C GLN B 71 -11.94 24.80 13.54
N GLY B 72 -12.11 24.17 12.39
CA GLY B 72 -13.40 23.73 11.90
C GLY B 72 -14.11 24.74 11.01
N ARG B 73 -14.08 26.01 11.39
CA ARG B 73 -14.73 27.05 10.59
C ARG B 73 -13.92 27.42 9.36
N PHE B 74 -12.61 27.30 9.42
CA PHE B 74 -11.73 27.67 8.32
C PHE B 74 -11.21 26.44 7.59
N THR B 75 -10.84 26.64 6.33
CA THR B 75 -10.27 25.57 5.52
C THR B 75 -9.18 26.14 4.62
N VAL B 76 -8.05 25.44 4.55
CA VAL B 76 -6.92 25.88 3.73
C VAL B 76 -6.74 24.90 2.58
N SER B 77 -6.62 25.44 1.38
CA SER B 77 -6.37 24.64 0.19
C SER B 77 -5.12 25.15 -0.51
N ARG B 78 -4.41 24.23 -1.16
CA ARG B 78 -3.16 24.53 -1.83
C ARG B 78 -3.28 24.23 -3.31
N ASP B 79 -2.48 24.94 -4.12
CA ASP B 79 -2.43 24.68 -5.56
C ASP B 79 -1.02 24.99 -6.03
N ASP B 80 -0.20 23.95 -6.18
CA ASP B 80 1.17 24.15 -6.65
C ASP B 80 1.22 24.45 -8.14
N ALA B 81 0.27 23.94 -8.92
CA ALA B 81 0.24 24.23 -10.35
C ALA B 81 0.02 25.71 -10.60
N LYS B 82 -0.92 26.33 -9.87
CA LYS B 82 -1.16 27.76 -9.97
C LYS B 82 -0.31 28.57 -9.01
N ASN B 83 0.43 27.91 -8.12
CA ASN B 83 1.26 28.58 -7.12
C ASN B 83 0.44 29.55 -6.28
N THR B 84 -0.55 29.00 -5.57
CA THR B 84 -1.45 29.83 -4.78
C THR B 84 -2.04 29.01 -3.65
N VAL B 85 -2.58 29.71 -2.65
CA VAL B 85 -3.27 29.10 -1.53
C VAL B 85 -4.59 29.81 -1.31
N TYR B 86 -5.58 29.07 -0.83
CA TYR B 86 -6.92 29.59 -0.58
C TYR B 86 -7.30 29.37 0.86
N LEU B 87 -7.91 30.39 1.46
CA LEU B 87 -8.43 30.33 2.82
C LEU B 87 -9.93 30.57 2.77
N GLN B 88 -10.71 29.54 3.08
CA GLN B 88 -12.16 29.61 3.08
C GLN B 88 -12.64 29.80 4.51
N MET B 89 -13.38 30.89 4.74
CA MET B 89 -13.94 31.23 6.03
C MET B 89 -15.44 30.95 5.99
N ASN B 90 -15.93 30.20 6.98
CA ASN B 90 -17.35 29.92 7.12
C ASN B 90 -17.79 30.25 8.54
N SER B 91 -19.04 30.67 8.68
CA SER B 91 -19.64 31.04 9.96
C SER B 91 -18.83 32.14 10.65
N LEU B 92 -18.77 33.29 9.98
CA LEU B 92 -18.00 34.41 10.49
C LEU B 92 -18.68 35.03 11.72
N LYS B 93 -17.86 35.73 12.51
CA LYS B 93 -18.26 36.42 13.72
C LYS B 93 -17.69 37.83 13.69
N PRO B 94 -18.36 38.80 14.31
CA PRO B 94 -17.80 40.16 14.38
C PRO B 94 -16.44 40.23 15.10
N GLU B 95 -16.02 39.17 15.78
CA GLU B 95 -14.68 39.13 16.37
C GLU B 95 -13.60 38.76 15.37
N ASP B 96 -13.97 38.44 14.14
CA ASP B 96 -13.02 38.07 13.10
C ASP B 96 -12.56 39.25 12.27
N THR B 97 -13.08 40.45 12.53
CA THR B 97 -12.69 41.66 11.80
C THR B 97 -11.22 41.96 12.00
N ALA B 98 -10.42 41.84 10.94
CA ALA B 98 -8.98 42.02 11.05
C ALA B 98 -8.38 42.10 9.66
N VAL B 99 -7.10 42.47 9.62
CA VAL B 99 -6.32 42.39 8.40
C VAL B 99 -5.64 41.02 8.35
N TYR B 100 -5.83 40.30 7.26
CA TYR B 100 -5.32 38.95 7.09
C TYR B 100 -4.06 39.00 6.23
N TYR B 101 -2.94 38.58 6.82
CA TYR B 101 -1.66 38.55 6.15
C TYR B 101 -1.30 37.13 5.72
N CYS B 102 -0.46 37.05 4.69
CA CYS B 102 0.01 35.78 4.15
C CYS B 102 1.53 35.76 4.24
N ALA B 103 2.08 34.63 4.69
CA ALA B 103 3.51 34.52 4.92
C ALA B 103 4.01 33.19 4.38
N ILE B 104 5.32 33.15 4.09
CA ILE B 104 5.99 31.98 3.55
C ILE B 104 7.00 31.49 4.57
N ASP B 105 6.96 30.20 4.89
CA ASP B 105 7.94 29.59 5.78
C ASP B 105 9.17 29.22 4.95
N SER B 106 10.27 29.96 5.15
CA SER B 106 11.45 29.75 4.33
C SER B 106 12.10 28.40 4.60
N ASP B 107 12.06 27.93 5.84
CA ASP B 107 12.70 26.67 6.20
C ASP B 107 11.85 25.50 5.71
N THR B 108 12.48 24.58 4.98
CA THR B 108 11.78 23.41 4.48
C THR B 108 11.39 22.44 5.59
N PHE B 109 12.04 22.52 6.74
CA PHE B 109 11.73 21.68 7.89
C PHE B 109 10.66 22.28 8.79
N TYR B 110 9.98 23.33 8.32
CA TYR B 110 8.88 23.96 9.05
C TYR B 110 9.32 24.53 10.39
N SER B 111 10.50 25.16 10.40
CA SER B 111 10.97 25.81 11.62
C SER B 111 10.13 27.03 11.95
N GLY B 112 9.63 27.74 10.94
CA GLY B 112 8.79 28.90 11.19
C GLY B 112 9.45 30.21 10.85
N SER B 113 10.29 30.21 9.82
CA SER B 113 11.01 31.42 9.39
C SER B 113 10.10 32.21 8.46
N TYR B 114 9.35 33.15 9.02
CA TYR B 114 8.44 33.98 8.26
C TYR B 114 9.16 35.29 7.92
N ASP B 115 9.50 35.47 6.66
CA ASP B 115 10.20 36.67 6.22
C ASP B 115 9.48 37.33 5.05
N TYR B 116 8.81 36.53 4.22
CA TYR B 116 8.09 37.03 3.05
C TYR B 116 6.65 37.32 3.44
N TRP B 117 6.45 38.51 4.01
CA TRP B 117 5.11 38.93 4.41
C TRP B 117 4.42 39.65 3.25
N GLY B 118 3.15 40.03 3.48
CA GLY B 118 2.37 40.72 2.47
C GLY B 118 1.58 41.85 3.11
N GLN B 119 0.90 42.61 2.24
CA GLN B 119 0.11 43.73 2.74
C GLN B 119 -1.10 43.24 3.53
N GLY B 120 -1.70 42.13 3.11
CA GLY B 120 -2.88 41.61 3.74
C GLY B 120 -4.15 42.28 3.24
N THR B 121 -5.27 41.62 3.50
CA THR B 121 -6.59 42.12 3.09
C THR B 121 -7.48 42.31 4.30
N GLN B 122 -8.28 43.36 4.28
CA GLN B 122 -9.17 43.69 5.39
C GLN B 122 -10.47 42.90 5.28
N VAL B 123 -10.79 42.14 6.32
CA VAL B 123 -12.04 41.39 6.40
C VAL B 123 -12.81 41.91 7.60
N THR B 124 -14.01 42.43 7.36
CA THR B 124 -14.84 43.00 8.41
C THR B 124 -16.22 42.38 8.36
N VAL B 125 -16.89 42.39 9.51
CA VAL B 125 -18.23 41.84 9.65
C VAL B 125 -19.17 42.96 10.04
N SER B 126 -20.26 43.10 9.29
CA SER B 126 -21.27 44.15 9.48
C SER B 126 -20.64 45.52 9.64
N ASP C 1 21.85 -4.24 -0.19
CA ASP C 1 21.98 -3.35 -1.34
C ASP C 1 20.60 -2.93 -1.87
N ILE C 2 19.55 -3.38 -1.19
CA ILE C 2 18.18 -3.02 -1.52
C ILE C 2 17.68 -2.09 -0.43
N GLN C 3 17.31 -0.87 -0.82
CA GLN C 3 16.90 0.17 0.12
C GLN C 3 15.39 0.32 0.11
N MET C 4 14.78 0.30 1.29
CA MET C 4 13.37 0.62 1.46
C MET C 4 13.25 2.08 1.87
N THR C 5 12.49 2.84 1.10
CA THR C 5 12.38 4.29 1.29
C THR C 5 10.97 4.61 1.76
N GLN C 6 10.79 4.64 3.07
CA GLN C 6 9.51 5.05 3.67
C GLN C 6 9.40 6.56 3.57
N SER C 7 8.43 7.05 2.78
CA SER C 7 8.42 8.47 2.45
C SER C 7 7.99 9.35 3.62
N PRO C 8 6.82 9.16 4.26
CA PRO C 8 6.42 10.08 5.34
C PRO C 8 7.21 9.81 6.61
N SER C 9 8.15 10.71 6.92
CA SER C 9 8.93 10.56 8.13
C SER C 9 8.12 10.87 9.38
N SER C 10 7.09 11.69 9.26
CA SER C 10 6.22 12.03 10.38
C SER C 10 4.82 12.26 9.85
N LEU C 11 3.82 11.84 10.63
CA LEU C 11 2.42 11.95 10.23
C LEU C 11 1.61 12.43 11.43
N SER C 12 0.62 13.28 11.17
CA SER C 12 -0.27 13.82 12.19
C SER C 12 -1.71 13.59 11.76
N ALA C 13 -2.50 12.98 12.64
CA ALA C 13 -3.90 12.72 12.34
C ALA C 13 -4.67 12.57 13.64
N SER C 14 -5.99 12.69 13.54
CA SER C 14 -6.88 12.56 14.68
C SER C 14 -7.60 11.22 14.64
N VAL C 15 -8.32 10.91 15.71
CA VAL C 15 -9.02 9.65 15.82
C VAL C 15 -10.15 9.60 14.80
N GLY C 16 -10.24 8.49 14.07
CA GLY C 16 -11.26 8.30 13.06
C GLY C 16 -10.81 8.57 11.64
N ASP C 17 -9.61 9.10 11.45
CA ASP C 17 -9.12 9.41 10.11
C ASP C 17 -8.63 8.15 9.40
N ARG C 18 -8.35 8.29 8.11
CA ARG C 18 -7.74 7.26 7.29
C ARG C 18 -6.35 7.75 6.88
N VAL C 19 -5.33 6.96 7.19
CA VAL C 19 -3.96 7.35 6.90
C VAL C 19 -3.32 6.31 5.99
N THR C 20 -2.33 6.76 5.23
CA THR C 20 -1.65 5.94 4.24
C THR C 20 -0.16 6.19 4.31
N ILE C 21 0.62 5.12 4.47
CA ILE C 21 2.07 5.19 4.53
C ILE C 21 2.63 4.43 3.33
N THR C 22 3.53 5.07 2.60
CA THR C 22 4.08 4.53 1.36
C THR C 22 5.56 4.18 1.54
N CYS C 23 5.95 3.06 0.95
CA CYS C 23 7.33 2.56 1.01
C CYS C 23 7.73 2.09 -0.37
N ARG C 24 9.00 2.26 -0.72
CA ARG C 24 9.50 1.96 -2.05
C ARG C 24 10.77 1.15 -1.97
N ALA C 25 10.84 0.06 -2.74
CA ALA C 25 12.01 -0.78 -2.79
C ALA C 25 12.93 -0.36 -3.93
N SER C 26 14.23 -0.52 -3.72
CA SER C 26 15.20 -0.19 -4.76
C SER C 26 15.08 -1.12 -5.96
N GLN C 27 15.00 -2.41 -5.71
CA GLN C 27 14.82 -3.43 -6.73
C GLN C 27 13.43 -4.06 -6.59
N SER C 28 13.17 -5.07 -7.41
CA SER C 28 11.94 -5.84 -7.29
C SER C 28 12.12 -6.91 -6.22
N VAL C 29 11.28 -6.85 -5.19
CA VAL C 29 11.32 -7.82 -4.10
C VAL C 29 10.05 -8.67 -4.07
N SER C 30 9.35 -8.75 -5.19
CA SER C 30 8.07 -9.47 -5.32
C SER C 30 7.11 -8.87 -4.29
N SER C 31 6.36 -9.69 -3.56
CA SER C 31 5.47 -9.22 -2.51
C SER C 31 6.02 -9.46 -1.13
N ALA C 32 7.34 -9.65 -1.01
CA ALA C 32 7.98 -9.92 0.28
C ALA C 32 8.29 -8.60 0.98
N VAL C 33 7.22 -7.96 1.46
CA VAL C 33 7.31 -6.72 2.23
C VAL C 33 6.37 -6.83 3.42
N ALA C 34 6.88 -6.54 4.61
CA ALA C 34 6.11 -6.60 5.83
C ALA C 34 6.05 -5.23 6.48
N TRP C 35 4.98 -5.02 7.25
CA TRP C 35 4.76 -3.78 7.99
C TRP C 35 4.65 -4.11 9.47
N TYR C 36 5.46 -3.45 10.28
CA TYR C 36 5.54 -3.63 11.72
C TYR C 36 5.14 -2.36 12.44
N GLN C 37 4.53 -2.53 13.62
CA GLN C 37 4.16 -1.43 14.50
C GLN C 37 4.91 -1.56 15.82
N GLN C 38 5.60 -0.49 16.21
CA GLN C 38 6.34 -0.46 17.46
C GLN C 38 5.89 0.74 18.29
N LYS C 39 5.42 0.47 19.51
CA LYS C 39 5.19 1.49 20.52
C LYS C 39 6.50 1.80 21.23
N PRO C 40 6.63 3.00 21.80
CA PRO C 40 7.86 3.34 22.51
C PRO C 40 8.10 2.43 23.70
N GLY C 41 9.31 1.89 23.78
CA GLY C 41 9.67 1.01 24.88
C GLY C 41 9.17 -0.42 24.77
N LYS C 42 8.91 -0.90 23.56
CA LYS C 42 8.41 -2.25 23.38
C LYS C 42 8.92 -2.81 22.06
N ALA C 43 8.91 -4.14 21.96
CA ALA C 43 9.36 -4.80 20.74
C ALA C 43 8.37 -4.57 19.61
N PRO C 44 8.85 -4.52 18.37
CA PRO C 44 7.94 -4.36 17.23
C PRO C 44 7.01 -5.55 17.09
N LYS C 45 5.81 -5.27 16.58
CA LYS C 45 4.77 -6.27 16.37
C LYS C 45 4.44 -6.34 14.89
N LEU C 46 4.35 -7.56 14.36
CA LEU C 46 4.05 -7.74 12.95
C LEU C 46 2.59 -7.40 12.67
N LEU C 47 2.36 -6.47 11.76
CA LEU C 47 1.02 -6.10 11.32
C LEU C 47 0.67 -6.77 9.99
N ILE C 48 1.48 -6.55 8.96
CA ILE C 48 1.18 -7.01 7.61
C ILE C 48 2.35 -7.86 7.14
N TYR C 49 2.03 -9.03 6.57
CA TYR C 49 3.01 -9.88 5.90
C TYR C 49 2.54 -10.17 4.48
N SER C 50 3.50 -10.46 3.61
CA SER C 50 3.27 -10.72 2.19
C SER C 50 2.66 -9.51 1.48
N ALA C 51 2.75 -8.34 2.10
CA ALA C 51 2.37 -7.05 1.53
C ALA C 51 0.87 -6.87 1.39
N SER C 52 0.10 -7.93 1.64
CA SER C 52 -1.36 -7.83 1.61
C SER C 52 -2.06 -8.56 2.73
N SER C 53 -1.46 -9.56 3.37
CA SER C 53 -2.14 -10.39 4.35
C SER C 53 -1.89 -9.85 5.74
N LEU C 54 -2.96 -9.50 6.45
CA LEU C 54 -2.83 -9.03 7.81
C LEU C 54 -2.55 -10.21 8.75
N TYR C 55 -1.70 -9.97 9.74
CA TYR C 55 -1.31 -11.03 10.66
C TYR C 55 -2.48 -11.42 11.55
N SER C 56 -2.52 -12.70 11.91
CA SER C 56 -3.62 -13.23 12.71
C SER C 56 -3.53 -12.69 14.13
N GLY C 57 -4.41 -11.76 14.47
CA GLY C 57 -4.43 -11.17 15.80
C GLY C 57 -4.61 -9.67 15.80
N VAL C 58 -4.11 -9.02 14.76
CA VAL C 58 -4.23 -7.56 14.64
C VAL C 58 -5.64 -7.22 14.19
N PRO C 59 -6.14 -6.02 14.48
CA PRO C 59 -7.48 -5.65 14.01
C PRO C 59 -7.51 -5.50 12.49
N SER C 60 -8.72 -5.49 11.96
CA SER C 60 -8.94 -5.48 10.51
C SER C 60 -8.84 -4.09 9.90
N ARG C 61 -8.60 -3.05 10.71
CA ARG C 61 -8.49 -1.70 10.17
C ARG C 61 -7.20 -1.47 9.40
N PHE C 62 -6.24 -2.39 9.48
CA PHE C 62 -4.99 -2.28 8.74
C PHE C 62 -5.09 -3.07 7.45
N SER C 63 -4.57 -2.49 6.36
CA SER C 63 -4.55 -3.16 5.07
C SER C 63 -3.25 -2.83 4.36
N GLY C 64 -2.87 -3.70 3.42
CA GLY C 64 -1.67 -3.50 2.64
C GLY C 64 -1.93 -3.72 1.17
N SER C 65 -1.20 -2.98 0.34
CA SER C 65 -1.36 -3.05 -1.10
C SER C 65 -0.01 -2.92 -1.78
N ARG C 66 0.10 -3.53 -2.97
CA ARG C 66 1.31 -3.52 -3.75
C ARG C 66 1.01 -3.04 -5.17
N SER C 67 1.89 -2.19 -5.69
CA SER C 67 1.82 -1.72 -7.08
C SER C 67 3.27 -1.65 -7.57
N GLY C 68 3.70 -2.69 -8.29
CA GLY C 68 5.07 -2.77 -8.75
C GLY C 68 6.05 -2.84 -7.60
N THR C 69 6.82 -1.77 -7.39
CA THR C 69 7.75 -1.67 -6.28
C THR C 69 7.29 -0.68 -5.22
N ASP C 70 6.01 -0.31 -5.23
CA ASP C 70 5.45 0.63 -4.27
C ASP C 70 4.48 -0.10 -3.36
N PHE C 71 4.73 -0.07 -2.06
CA PHE C 71 3.90 -0.76 -1.08
C PHE C 71 3.22 0.27 -0.19
N THR C 72 1.99 -0.02 0.21
CA THR C 72 1.16 0.95 0.91
C THR C 72 0.46 0.29 2.09
N LEU C 73 0.62 0.89 3.27
CA LEU C 73 -0.12 0.50 4.45
C LEU C 73 -1.22 1.51 4.72
N THR C 74 -2.45 1.03 4.90
CA THR C 74 -3.61 1.90 5.07
C THR C 74 -4.30 1.58 6.37
N ILE C 75 -4.54 2.60 7.18
CA ILE C 75 -5.35 2.51 8.39
C ILE C 75 -6.66 3.25 8.11
N SER C 76 -7.76 2.51 8.05
CA SER C 76 -9.04 3.12 7.67
C SER C 76 -9.60 4.00 8.78
N SER C 77 -9.54 3.54 10.02
CA SER C 77 -10.06 4.29 11.16
C SER C 77 -8.98 4.38 12.22
N LEU C 78 -8.62 5.60 12.60
CA LEU C 78 -7.62 5.78 13.64
C LEU C 78 -8.21 5.44 15.01
N GLN C 79 -7.34 5.04 15.92
CA GLN C 79 -7.71 4.67 17.28
C GLN C 79 -6.66 5.23 18.22
N PRO C 80 -7.00 5.42 19.49
CA PRO C 80 -5.97 5.87 20.45
C PRO C 80 -4.78 4.93 20.54
N GLU C 81 -5.01 3.63 20.34
CA GLU C 81 -3.92 2.66 20.38
C GLU C 81 -3.09 2.67 19.10
N ASP C 82 -3.61 3.25 18.01
CA ASP C 82 -2.90 3.18 16.74
C ASP C 82 -1.65 4.04 16.73
N PHE C 83 -1.64 5.16 17.46
CA PHE C 83 -0.49 6.06 17.45
C PHE C 83 0.78 5.33 17.91
N ALA C 84 1.72 5.14 16.99
CA ALA C 84 2.98 4.44 17.24
C ALA C 84 3.87 4.65 16.02
N THR C 85 5.00 3.94 15.98
CA THR C 85 5.89 4.00 14.82
C THR C 85 5.65 2.79 13.92
N TYR C 86 5.81 3.00 12.62
CA TYR C 86 5.53 1.98 11.62
C TYR C 86 6.74 1.80 10.71
N TYR C 87 7.14 0.56 10.48
CA TYR C 87 8.32 0.24 9.68
C TYR C 87 7.93 -0.71 8.55
N CYS C 88 8.45 -0.43 7.35
CA CYS C 88 8.37 -1.36 6.23
C CYS C 88 9.69 -2.10 6.09
N GLN C 89 9.62 -3.39 5.78
CA GLN C 89 10.81 -4.22 5.68
C GLN C 89 10.67 -5.21 4.53
N GLN C 90 11.69 -5.29 3.69
CA GLN C 90 11.74 -6.30 2.65
C GLN C 90 12.54 -7.51 3.13
N TYR C 91 12.03 -8.70 2.85
CA TYR C 91 12.61 -9.94 3.33
C TYR C 91 12.79 -10.93 2.17
N LEU C 92 13.40 -10.44 1.09
CA LEU C 92 13.61 -11.29 -0.08
C LEU C 92 14.48 -12.50 0.24
N TYR C 93 15.48 -12.32 1.10
CA TYR C 93 16.32 -13.43 1.53
C TYR C 93 16.74 -13.20 2.97
N TYR C 94 17.26 -14.27 3.60
CA TYR C 94 17.62 -14.21 5.01
C TYR C 94 18.67 -13.14 5.28
N SER C 95 19.69 -13.04 4.43
CA SER C 95 20.81 -12.14 4.65
C SER C 95 20.65 -10.83 3.89
N LEU C 96 19.44 -10.51 3.42
CA LEU C 96 19.22 -9.30 2.64
C LEU C 96 18.06 -8.46 3.20
N VAL C 97 17.67 -8.70 4.44
CA VAL C 97 16.54 -7.99 5.03
C VAL C 97 16.97 -6.58 5.39
N THR C 98 16.17 -5.59 4.96
CA THR C 98 16.42 -4.20 5.27
C THR C 98 15.13 -3.54 5.73
N PHE C 99 15.25 -2.62 6.68
CA PHE C 99 14.11 -1.90 7.23
C PHE C 99 14.08 -0.47 6.73
N GLY C 100 12.91 0.14 6.83
CA GLY C 100 12.72 1.52 6.45
C GLY C 100 13.07 2.48 7.58
N GLN C 101 12.98 3.77 7.26
CA GLN C 101 13.34 4.80 8.25
C GLN C 101 12.30 4.93 9.35
N GLY C 102 11.07 4.50 9.10
CA GLY C 102 10.03 4.58 10.11
C GLY C 102 9.06 5.73 9.85
N THR C 103 7.89 5.63 10.48
CA THR C 103 6.85 6.64 10.34
C THR C 103 6.12 6.75 11.68
N LYS C 104 6.29 7.87 12.36
CA LYS C 104 5.68 8.10 13.65
C LYS C 104 4.34 8.81 13.46
N VAL C 105 3.27 8.20 13.98
CA VAL C 105 1.93 8.74 13.86
C VAL C 105 1.61 9.49 15.15
N GLU C 106 1.30 10.78 15.02
CA GLU C 106 1.05 11.67 16.13
C GLU C 106 -0.43 12.01 16.20
N ILE C 107 -0.79 12.85 17.17
CA ILE C 107 -2.17 13.28 17.39
C ILE C 107 -2.33 14.70 16.86
N LYS C 108 -3.30 14.90 15.98
CA LYS C 108 -3.56 16.21 15.42
C LYS C 108 -4.10 17.15 16.50
N ARG C 109 -3.61 18.39 16.48
CA ARG C 109 -4.00 19.38 17.48
C ARG C 109 -3.91 20.77 16.86
N THR C 110 -4.63 21.71 17.45
CA THR C 110 -4.53 23.10 17.04
C THR C 110 -3.16 23.66 17.38
N VAL C 111 -2.73 24.65 16.62
CA VAL C 111 -1.39 25.21 16.79
C VAL C 111 -1.32 26.01 18.08
N ALA C 112 -0.32 25.72 18.91
CA ALA C 112 -0.07 26.46 20.13
C ALA C 112 1.37 26.98 20.11
N ALA C 113 1.53 28.26 20.44
CA ALA C 113 2.86 28.85 20.47
C ALA C 113 3.58 28.47 21.75
N PRO C 114 4.91 28.32 21.69
CA PRO C 114 5.67 27.95 22.89
C PRO C 114 5.74 29.09 23.90
N SER C 115 5.85 28.72 25.17
CA SER C 115 6.18 29.66 26.24
C SER C 115 7.67 29.55 26.50
N VAL C 116 8.39 30.67 26.36
CA VAL C 116 9.84 30.68 26.37
C VAL C 116 10.32 31.24 27.71
N PHE C 117 11.17 30.49 28.39
CA PHE C 117 11.82 30.92 29.62
C PHE C 117 13.32 30.71 29.49
N ILE C 118 14.10 31.53 30.20
CA ILE C 118 15.54 31.43 30.19
C ILE C 118 16.05 31.36 31.62
N PHE C 119 16.95 30.41 31.87
CA PHE C 119 17.54 30.20 33.20
C PHE C 119 19.04 30.40 33.09
N PRO C 120 19.60 31.38 33.79
CA PRO C 120 21.06 31.55 33.83
C PRO C 120 21.69 30.50 34.72
N PRO C 121 22.99 30.27 34.59
CA PRO C 121 23.65 29.27 35.44
C PRO C 121 23.63 29.68 36.90
N SER C 122 23.56 28.68 37.77
CA SER C 122 23.49 28.92 39.20
C SER C 122 24.87 29.28 39.75
N ASP C 123 24.86 29.92 40.92
CA ASP C 123 26.12 30.27 41.58
C ASP C 123 26.85 29.05 42.10
N GLU C 124 26.14 27.96 42.39
CA GLU C 124 26.80 26.72 42.79
C GLU C 124 27.57 26.11 41.63
N GLN C 125 27.01 26.18 40.42
CA GLN C 125 27.66 25.59 39.26
C GLN C 125 28.85 26.41 38.78
N LEU C 126 28.84 27.72 39.02
CA LEU C 126 29.95 28.57 38.59
C LEU C 126 31.24 28.23 39.34
N LYS C 127 31.13 27.70 40.55
CA LYS C 127 32.31 27.31 41.31
C LYS C 127 32.98 26.06 40.73
N SER C 128 32.27 25.29 39.92
CA SER C 128 32.82 24.09 39.29
C SER C 128 33.55 24.39 37.99
N GLY C 129 33.55 25.65 37.53
CA GLY C 129 34.25 26.01 36.31
C GLY C 129 33.47 25.79 35.04
N THR C 130 32.17 25.51 35.12
CA THR C 130 31.34 25.31 33.96
C THR C 130 29.98 25.97 34.18
N ALA C 131 29.53 26.76 33.21
CA ALA C 131 28.27 27.46 33.28
C ALA C 131 27.35 26.95 32.17
N SER C 132 26.13 26.56 32.55
CA SER C 132 25.13 26.09 31.60
C SER C 132 23.91 27.00 31.66
N VAL C 133 23.51 27.51 30.51
CA VAL C 133 22.33 28.37 30.38
C VAL C 133 21.24 27.56 29.69
N VAL C 134 20.03 27.61 30.24
CA VAL C 134 18.93 26.78 29.76
C VAL C 134 17.87 27.67 29.12
N CYS C 135 17.35 27.23 27.98
CA CYS C 135 16.20 27.86 27.33
C CYS C 135 15.10 26.82 27.22
N LEU C 136 13.95 27.12 27.81
CA LEU C 136 12.83 26.19 27.91
C LEU C 136 11.66 26.67 27.06
N LEU C 137 11.17 25.80 26.20
CA LEU C 137 9.97 26.03 25.39
C LEU C 137 8.89 25.09 25.91
N ASN C 138 7.76 25.65 26.31
CA ASN C 138 6.72 24.88 26.98
C ASN C 138 5.43 24.91 26.16
N ASN C 139 4.79 23.74 26.02
CA ASN C 139 3.41 23.62 25.55
C ASN C 139 3.25 24.25 24.16
N PHE C 140 3.95 23.67 23.19
CA PHE C 140 3.86 24.12 21.81
C PHE C 140 3.50 22.95 20.90
N TYR C 141 2.74 23.26 19.85
CA TYR C 141 2.39 22.30 18.81
C TYR C 141 2.39 23.06 17.50
N PRO C 142 2.95 22.47 16.42
CA PRO C 142 3.58 21.14 16.33
C PRO C 142 5.00 21.10 16.90
N ARG C 143 5.72 20.01 16.63
CA ARG C 143 7.05 19.82 17.20
C ARG C 143 8.09 20.73 16.58
N GLU C 144 7.95 21.06 15.30
CA GLU C 144 9.00 21.74 14.54
C GLU C 144 9.15 23.18 15.02
N ALA C 145 10.15 23.42 15.87
CA ALA C 145 10.50 24.75 16.32
C ALA C 145 12.02 24.82 16.45
N LYS C 146 12.58 26.00 16.19
CA LYS C 146 14.02 26.18 16.19
C LYS C 146 14.44 27.15 17.29
N VAL C 147 15.58 26.88 17.90
CA VAL C 147 16.15 27.69 18.97
C VAL C 147 17.58 28.04 18.58
N GLN C 148 17.95 29.32 18.74
CA GLN C 148 19.31 29.76 18.50
C GLN C 148 19.76 30.62 19.68
N TRP C 149 21.07 30.69 19.88
CA TRP C 149 21.66 31.45 20.97
C TRP C 149 22.47 32.60 20.40
N LYS C 150 22.21 33.81 20.90
CA LYS C 150 22.91 35.02 20.46
C LYS C 150 23.64 35.60 21.68
N VAL C 151 24.90 35.20 21.84
CA VAL C 151 25.75 35.73 22.89
C VAL C 151 26.51 36.93 22.34
N ASP C 152 26.24 38.11 22.90
CA ASP C 152 26.77 39.37 22.39
C ASP C 152 26.44 39.54 20.91
N ASN C 153 25.18 39.22 20.56
CA ASN C 153 24.67 39.33 19.19
C ASN C 153 25.47 38.48 18.20
N ALA C 154 26.02 37.36 18.68
CA ALA C 154 26.74 36.42 17.83
C ALA C 154 26.14 35.04 18.01
N LEU C 155 25.84 34.37 16.89
CA LEU C 155 25.24 33.05 16.95
C LEU C 155 26.24 32.02 17.44
N GLN C 156 25.71 30.95 18.05
CA GLN C 156 26.51 29.87 18.58
C GLN C 156 26.23 28.59 17.80
N SER C 157 27.22 27.70 17.78
CA SER C 157 27.09 26.44 17.06
C SER C 157 27.98 25.39 17.71
N GLY C 158 27.42 24.20 17.90
CA GLY C 158 28.16 23.07 18.42
C GLY C 158 28.31 23.03 19.93
N ASN C 159 27.79 24.02 20.65
CA ASN C 159 27.88 24.06 22.11
C ASN C 159 26.51 23.95 22.78
N SER C 160 25.45 23.71 22.01
CA SER C 160 24.10 23.63 22.54
C SER C 160 23.51 22.25 22.27
N GLN C 161 22.85 21.69 23.28
CA GLN C 161 22.21 20.39 23.16
C GLN C 161 20.73 20.53 23.49
N GLU C 162 19.88 19.98 22.63
CA GLU C 162 18.43 20.12 22.75
C GLU C 162 17.79 18.78 23.07
N SER C 163 16.87 18.80 24.02
CA SER C 163 16.11 17.60 24.39
C SER C 163 14.63 17.94 24.33
N VAL C 164 13.86 17.08 23.66
CA VAL C 164 12.44 17.31 23.42
C VAL C 164 11.64 16.22 24.10
N THR C 165 10.69 16.62 24.94
CA THR C 165 9.74 15.69 25.52
C THR C 165 8.73 15.25 24.47
N GLU C 166 8.31 13.99 24.54
CA GLU C 166 7.32 13.47 23.61
C GLU C 166 5.95 14.09 23.90
N GLN C 167 4.96 13.68 23.12
CA GLN C 167 3.64 14.29 23.19
C GLN C 167 2.99 14.02 24.54
N ASP C 168 2.39 15.05 25.13
CA ASP C 168 1.79 14.94 26.44
C ASP C 168 0.50 14.13 26.40
N SER C 169 0.17 13.50 27.52
CA SER C 169 -1.05 12.71 27.61
C SER C 169 -2.28 13.59 27.73
N LYS C 170 -2.17 14.73 28.40
CA LYS C 170 -3.33 15.58 28.65
C LYS C 170 -3.66 16.45 27.44
N ASP C 171 -2.73 17.33 27.06
CA ASP C 171 -2.98 18.31 26.01
C ASP C 171 -2.18 18.05 24.74
N SER C 172 -1.34 17.02 24.71
CA SER C 172 -0.58 16.61 23.52
C SER C 172 0.22 17.79 22.94
N THR C 173 0.94 18.48 23.83
CA THR C 173 1.81 19.57 23.46
C THR C 173 3.24 19.24 23.87
N TYR C 174 4.20 19.73 23.09
CA TYR C 174 5.59 19.38 23.27
C TYR C 174 6.32 20.36 24.17
N SER C 175 7.49 19.95 24.63
CA SER C 175 8.38 20.78 25.42
C SER C 175 9.81 20.56 24.95
N LEU C 176 10.58 21.64 24.91
CA LEU C 176 11.95 21.60 24.44
C LEU C 176 12.86 22.27 25.46
N SER C 177 14.08 21.78 25.57
CA SER C 177 15.06 22.35 26.49
C SER C 177 16.40 22.38 25.78
N SER C 178 16.91 23.58 25.51
CA SER C 178 18.20 23.77 24.90
C SER C 178 19.18 24.26 25.95
N THR C 179 20.26 23.50 26.17
CA THR C 179 21.28 23.82 27.16
C THR C 179 22.55 24.21 26.43
N LEU C 180 23.07 25.39 26.75
CA LEU C 180 24.32 25.89 26.21
C LEU C 180 25.36 25.87 27.32
N THR C 181 26.46 25.16 27.09
CA THR C 181 27.48 24.93 28.12
C THR C 181 28.77 25.61 27.72
N LEU C 182 29.35 26.37 28.65
CA LEU C 182 30.62 27.05 28.45
C LEU C 182 31.48 26.87 29.69
N SER C 183 32.77 27.18 29.56
CA SER C 183 33.64 27.19 30.71
C SER C 183 33.43 28.48 31.50
N LYS C 184 34.02 28.53 32.69
CA LYS C 184 33.88 29.72 33.53
C LYS C 184 34.56 30.92 32.87
N ALA C 185 35.73 30.72 32.26
CA ALA C 185 36.40 31.81 31.57
C ALA C 185 35.60 32.32 30.38
N ASP C 186 34.99 31.40 29.63
CA ASP C 186 34.17 31.82 28.49
C ASP C 186 32.88 32.51 28.91
N TYR C 187 32.32 32.10 30.05
CA TYR C 187 31.05 32.66 30.50
C TYR C 187 31.22 34.11 30.98
N GLU C 188 32.35 34.40 31.63
CA GLU C 188 32.54 35.73 32.22
C GLU C 188 33.07 36.75 31.23
N LYS C 189 33.37 36.37 29.99
CA LYS C 189 33.84 37.31 28.98
C LYS C 189 32.70 37.92 28.16
N HIS C 190 31.46 37.57 28.46
CA HIS C 190 30.31 38.08 27.73
C HIS C 190 29.27 38.62 28.71
N LYS C 191 28.44 39.53 28.21
CA LYS C 191 27.44 40.21 29.03
C LYS C 191 26.03 39.78 28.71
N VAL C 192 25.62 39.86 27.44
CA VAL C 192 24.26 39.54 27.04
C VAL C 192 24.18 38.07 26.66
N TYR C 193 23.26 37.35 27.29
CA TYR C 193 22.98 35.95 26.95
C TYR C 193 21.50 35.82 26.62
N ALA C 194 21.20 35.39 25.40
CA ALA C 194 19.83 35.35 24.92
C ALA C 194 19.59 34.09 24.11
N CYS C 195 18.35 33.62 24.13
CA CYS C 195 17.89 32.57 23.23
C CYS C 195 16.69 33.06 22.45
N GLU C 196 16.74 32.87 21.13
CA GLU C 196 15.69 33.28 20.21
C GLU C 196 15.01 32.03 19.65
N VAL C 197 13.69 32.02 19.69
CA VAL C 197 12.88 30.87 19.30
C VAL C 197 12.01 31.26 18.12
N THR C 198 11.95 30.39 17.12
CA THR C 198 11.05 30.54 15.98
C THR C 198 10.16 29.31 15.88
N HIS C 199 8.86 29.55 15.71
CA HIS C 199 7.88 28.49 15.58
C HIS C 199 6.83 28.91 14.57
N GLN C 200 6.15 27.93 13.98
CA GLN C 200 5.12 28.22 13.00
C GLN C 200 3.93 28.96 13.61
N GLY C 201 3.71 28.83 14.90
CA GLY C 201 2.66 29.55 15.59
C GLY C 201 3.02 30.95 16.03
N LEU C 202 4.24 31.41 15.74
CA LEU C 202 4.70 32.72 16.14
C LEU C 202 4.93 33.57 14.90
N SER C 203 4.34 34.76 14.88
CA SER C 203 4.56 35.69 13.77
C SER C 203 5.98 36.21 13.78
N SER C 204 6.52 36.50 14.96
CA SER C 204 7.87 37.02 15.13
C SER C 204 8.66 36.13 16.08
N PRO C 205 9.98 36.06 15.93
CA PRO C 205 10.79 35.28 16.87
C PRO C 205 10.69 35.85 18.29
N VAL C 206 10.73 34.95 19.27
CA VAL C 206 10.62 35.32 20.68
C VAL C 206 12.01 35.21 21.29
N THR C 207 12.52 36.32 21.82
CA THR C 207 13.86 36.38 22.39
C THR C 207 13.76 36.57 23.90
N LYS C 208 14.41 35.67 24.64
CA LYS C 208 14.53 35.78 26.09
C LYS C 208 16.00 35.99 26.44
N SER C 209 16.30 37.04 27.19
CA SER C 209 17.66 37.47 27.40
C SER C 209 17.89 37.85 28.85
N PHE C 210 19.17 37.85 29.24
CA PHE C 210 19.60 38.40 30.52
C PHE C 210 21.01 38.95 30.35
N ASN C 211 21.46 39.68 31.36
CA ASN C 211 22.74 40.38 31.33
C ASN C 211 23.54 40.03 32.59
N ARG C 212 24.57 39.22 32.42
CA ARG C 212 25.47 38.89 33.52
C ARG C 212 26.78 38.31 32.98
N ALA D 101 -41.81 -15.97 -60.28
CA ALA D 101 -42.01 -17.17 -59.47
C ALA D 101 -41.04 -18.27 -59.88
N ARG D 102 -40.78 -18.39 -61.18
CA ARG D 102 -39.80 -19.37 -61.65
C ARG D 102 -38.42 -19.09 -61.09
N ALA D 103 -38.02 -17.81 -61.08
CA ALA D 103 -36.73 -17.44 -60.52
C ALA D 103 -36.67 -17.72 -59.03
N GLU D 104 -37.76 -17.43 -58.30
CA GLU D 104 -37.81 -17.73 -56.88
C GLU D 104 -37.65 -19.22 -56.63
N LEU D 105 -38.37 -20.05 -57.39
CA LEU D 105 -38.27 -21.50 -57.23
C LEU D 105 -36.87 -21.99 -57.55
N ALA D 106 -36.26 -21.47 -58.62
CA ALA D 106 -34.92 -21.89 -58.99
C ALA D 106 -33.90 -21.52 -57.91
N LEU D 107 -34.01 -20.30 -57.37
CA LEU D 107 -33.09 -19.88 -56.33
C LEU D 107 -33.26 -20.71 -55.07
N LEU D 108 -34.51 -21.00 -54.70
CA LEU D 108 -34.75 -21.85 -53.53
C LEU D 108 -34.18 -23.25 -53.73
N SER D 109 -34.35 -23.81 -54.92
CA SER D 109 -33.81 -25.13 -55.21
C SER D 109 -32.28 -25.12 -55.14
N ILE D 110 -31.65 -24.09 -55.70
CA ILE D 110 -30.19 -24.00 -55.66
C ILE D 110 -29.71 -23.91 -54.22
N VAL D 111 -30.36 -23.08 -53.42
CA VAL D 111 -29.97 -22.94 -52.01
C VAL D 111 -30.14 -24.26 -51.28
N PHE D 112 -31.25 -24.95 -51.52
CA PHE D 112 -31.47 -26.23 -50.86
C PHE D 112 -30.40 -27.25 -51.24
N VAL D 113 -30.06 -27.31 -52.53
CA VAL D 113 -29.05 -28.27 -52.98
C VAL D 113 -27.71 -27.96 -52.33
N ALA D 114 -27.32 -26.68 -52.32
CA ALA D 114 -26.03 -26.30 -51.74
C ALA D 114 -25.99 -26.63 -50.25
N VAL D 115 -27.05 -26.30 -49.52
CA VAL D 115 -27.09 -26.55 -48.09
C VAL D 115 -27.02 -28.05 -47.82
N ALA D 116 -27.79 -28.83 -48.57
CA ALA D 116 -27.80 -30.27 -48.36
C ALA D 116 -26.43 -30.87 -48.62
N LEU D 117 -25.78 -30.46 -49.72
CA LEU D 117 -24.46 -31.00 -50.05
C LEU D 117 -23.44 -30.62 -48.97
N SER D 118 -23.41 -29.36 -48.57
CA SER D 118 -22.42 -28.93 -47.58
C SER D 118 -22.62 -29.64 -46.25
N ASN D 119 -23.85 -29.65 -45.75
CA ASN D 119 -24.11 -30.29 -44.47
C ASN D 119 -23.86 -31.79 -44.52
N GLY D 120 -24.22 -32.44 -45.63
CA GLY D 120 -23.94 -33.86 -45.77
C GLY D 120 -22.46 -34.16 -45.78
N LEU D 121 -21.67 -33.35 -46.49
CA LEU D 121 -20.23 -33.56 -46.50
C LEU D 121 -19.64 -33.37 -45.12
N VAL D 122 -20.05 -32.32 -44.41
CA VAL D 122 -19.51 -32.07 -43.07
C VAL D 122 -19.89 -33.19 -42.12
N LEU D 123 -21.15 -33.63 -42.15
CA LEU D 123 -21.57 -34.71 -41.26
C LEU D 123 -20.85 -36.01 -41.59
N ALA D 124 -20.67 -36.31 -42.88
CA ALA D 124 -19.96 -37.53 -43.25
C ALA D 124 -18.51 -37.49 -42.77
N ALA D 125 -17.83 -36.37 -42.95
CA ALA D 125 -16.45 -36.26 -42.48
C ALA D 125 -16.38 -36.39 -40.96
N LEU D 126 -17.28 -35.72 -40.24
CA LEU D 126 -17.27 -35.79 -38.79
C LEU D 126 -17.53 -37.21 -38.31
N ALA D 127 -18.50 -37.90 -38.91
CA ALA D 127 -18.80 -39.27 -38.50
C ALA D 127 -17.63 -40.21 -38.82
N ARG D 128 -17.02 -40.05 -39.99
CA ARG D 128 -15.92 -40.94 -40.38
C ARG D 128 -14.70 -40.71 -39.51
N ARG D 129 -14.51 -39.49 -39.00
CA ARG D 129 -13.38 -39.26 -38.11
C ARG D 129 -13.69 -39.68 -36.67
N GLY D 130 -14.92 -39.46 -36.21
CA GLY D 130 -15.28 -39.81 -34.85
C GLY D 130 -15.58 -41.27 -34.62
N ARG D 131 -15.79 -42.04 -35.68
CA ARG D 131 -15.99 -43.48 -35.53
C ARG D 131 -14.74 -44.18 -34.98
N TRP D 135 -14.76 -38.93 -29.90
CA TRP D 135 -15.95 -38.32 -29.32
C TRP D 135 -15.53 -37.27 -28.31
N ALA D 136 -15.34 -36.04 -28.79
CA ALA D 136 -14.80 -34.95 -28.00
C ALA D 136 -15.63 -33.70 -28.26
N PRO D 137 -15.56 -32.71 -27.38
CA PRO D 137 -16.24 -31.44 -27.63
C PRO D 137 -15.81 -30.81 -28.95
N ILE D 138 -16.54 -29.75 -29.32
CA ILE D 138 -16.43 -29.08 -30.61
C ILE D 138 -17.03 -29.96 -31.71
N HIS D 139 -16.61 -31.22 -31.76
CA HIS D 139 -17.17 -32.15 -32.74
C HIS D 139 -18.67 -32.33 -32.52
N VAL D 140 -19.08 -32.53 -31.27
CA VAL D 140 -20.48 -32.80 -30.96
C VAL D 140 -21.34 -31.58 -31.27
N PHE D 141 -20.91 -30.41 -30.80
CA PHE D 141 -21.70 -29.20 -31.02
C PHE D 141 -21.80 -28.85 -32.50
N ILE D 142 -20.69 -29.00 -33.24
CA ILE D 142 -20.71 -28.70 -34.66
C ILE D 142 -21.59 -29.69 -35.41
N GLY D 143 -21.49 -30.98 -35.06
CA GLY D 143 -22.36 -31.96 -35.68
C GLY D 143 -23.83 -31.67 -35.44
N HIS D 144 -24.18 -31.27 -34.21
CA HIS D 144 -25.55 -30.93 -33.92
C HIS D 144 -25.98 -29.66 -34.67
N LEU D 145 -25.09 -28.68 -34.78
CA LEU D 145 -25.43 -27.47 -35.55
C LEU D 145 -25.68 -27.81 -37.02
N CYS D 146 -24.87 -28.70 -37.58
CA CYS D 146 -25.08 -29.13 -38.96
C CYS D 146 -26.40 -29.89 -39.10
N LEU D 147 -26.73 -30.70 -38.10
CA LEU D 147 -28.01 -31.40 -38.11
C LEU D 147 -29.18 -30.41 -38.06
N ALA D 148 -29.04 -29.35 -37.26
CA ALA D 148 -30.08 -28.33 -37.18
C ALA D 148 -30.20 -27.58 -38.51
N ASP D 149 -29.07 -27.29 -39.16
CA ASP D 149 -29.13 -26.67 -40.48
C ASP D 149 -29.81 -27.58 -41.49
N LEU D 150 -29.54 -28.88 -41.42
CA LEU D 150 -30.23 -29.83 -42.29
C LEU D 150 -31.72 -29.85 -42.00
N ALA D 151 -32.10 -29.78 -40.72
CA ALA D 151 -33.52 -29.72 -40.37
C ALA D 151 -34.17 -28.47 -40.93
N VAL D 152 -33.47 -27.33 -40.85
CA VAL D 152 -33.99 -26.09 -41.42
C VAL D 152 -34.17 -26.23 -42.91
N ALA D 153 -33.19 -26.82 -43.59
CA ALA D 153 -33.29 -26.99 -45.04
C ALA D 153 -34.44 -27.91 -45.42
N LEU D 154 -34.54 -29.06 -44.76
CA LEU D 154 -35.51 -30.08 -45.17
C LEU D 154 -36.93 -29.71 -44.78
N PHE D 155 -37.13 -29.21 -43.56
CA PHE D 155 -38.49 -28.99 -43.06
C PHE D 155 -38.99 -27.57 -43.28
N GLN D 156 -38.14 -26.66 -43.76
CA GLN D 156 -38.54 -25.28 -43.95
C GLN D 156 -38.44 -24.89 -45.42
N VAL D 157 -37.26 -25.09 -46.02
CA VAL D 157 -37.07 -24.68 -47.41
C VAL D 157 -37.90 -25.55 -48.34
N LEU D 158 -37.93 -26.86 -48.09
CA LEU D 158 -38.70 -27.76 -48.95
C LEU D 158 -40.19 -27.45 -48.93
N PRO D 159 -40.84 -27.23 -47.78
CA PRO D 159 -42.22 -26.72 -47.82
C PRO D 159 -42.35 -25.39 -48.52
N GLN D 160 -41.34 -24.53 -48.41
CA GLN D 160 -41.35 -23.27 -49.14
C GLN D 160 -41.35 -23.51 -50.65
N LEU D 161 -40.63 -24.53 -51.11
CA LEU D 161 -40.69 -24.88 -52.53
C LEU D 161 -42.01 -25.54 -52.89
N ALA D 162 -42.54 -26.37 -51.98
CA ALA D 162 -43.68 -27.21 -52.34
C ALA D 162 -44.98 -26.40 -52.36
N TRP D 163 -45.13 -25.43 -51.46
CA TRP D 163 -46.25 -24.51 -51.52
C TRP D 163 -46.18 -23.62 -52.75
N LYS D 164 -44.99 -23.09 -53.08
CA LYS D 164 -44.89 -22.19 -54.20
C LYS D 164 -44.91 -22.89 -55.55
N ALA D 165 -44.73 -24.22 -55.58
CA ALA D 165 -44.85 -24.94 -56.84
C ALA D 165 -46.25 -24.81 -57.43
N THR D 166 -47.28 -24.87 -56.58
CA THR D 166 -48.66 -24.73 -57.02
C THR D 166 -49.35 -23.50 -56.47
N ASP D 167 -48.63 -22.64 -55.74
CA ASP D 167 -49.15 -21.44 -55.08
C ASP D 167 -50.25 -21.76 -54.06
N ARG D 168 -50.47 -23.04 -53.74
CA ARG D 168 -51.44 -23.45 -52.75
C ARG D 168 -50.86 -24.59 -51.92
N PHE D 169 -51.40 -24.77 -50.73
CA PHE D 169 -51.00 -25.88 -49.87
C PHE D 169 -51.84 -27.11 -50.19
N ARG D 170 -51.17 -28.26 -50.28
CA ARG D 170 -51.81 -29.54 -50.60
C ARG D 170 -51.57 -30.48 -49.42
N GLY D 171 -52.60 -30.64 -48.59
CA GLY D 171 -52.51 -31.51 -47.43
C GLY D 171 -53.50 -31.12 -46.35
N PRO D 172 -53.60 -31.94 -45.31
CA PRO D 172 -54.56 -31.67 -44.23
C PRO D 172 -54.08 -30.53 -43.33
N ASP D 173 -54.94 -30.14 -42.38
CA ASP D 173 -54.57 -29.09 -41.43
C ASP D 173 -53.41 -29.52 -40.56
N ALA D 174 -53.40 -30.79 -40.15
CA ALA D 174 -52.32 -31.30 -39.30
C ALA D 174 -50.99 -31.25 -40.02
N LEU D 175 -50.98 -31.42 -41.35
CA LEU D 175 -49.73 -31.32 -42.10
C LEU D 175 -49.13 -29.92 -41.98
N CYS D 176 -49.98 -28.89 -42.16
CA CYS D 176 -49.51 -27.52 -41.97
C CYS D 176 -49.04 -27.29 -40.54
N ARG D 177 -49.80 -27.80 -39.56
CA ARG D 177 -49.40 -27.62 -38.17
C ARG D 177 -48.03 -28.22 -37.93
N ALA D 178 -47.80 -29.44 -38.40
CA ALA D 178 -46.53 -30.11 -38.18
C ALA D 178 -45.39 -29.39 -38.88
N VAL D 179 -45.60 -28.97 -40.13
CA VAL D 179 -44.49 -28.35 -40.86
C VAL D 179 -44.14 -27.00 -40.23
N LYS D 180 -45.15 -26.20 -39.86
CA LYS D 180 -44.86 -24.92 -39.23
C LYS D 180 -44.18 -25.12 -37.87
N TYR D 181 -44.65 -26.11 -37.11
CA TYR D 181 -44.03 -26.40 -35.82
C TYR D 181 -42.57 -26.79 -35.99
N LEU D 182 -42.27 -27.62 -37.00
CA LEU D 182 -40.89 -28.05 -37.20
C LEU D 182 -40.01 -26.90 -37.69
N GLN D 183 -40.56 -26.02 -38.54
CA GLN D 183 -39.80 -24.84 -38.95
C GLN D 183 -39.48 -23.95 -37.76
N MET D 184 -40.44 -23.75 -36.88
CA MET D 184 -40.20 -22.96 -35.67
C MET D 184 -39.16 -23.63 -34.79
N VAL D 185 -39.24 -24.96 -34.68
CA VAL D 185 -38.27 -25.71 -33.87
C VAL D 185 -36.86 -25.52 -34.44
N GLY D 186 -36.71 -25.63 -35.75
CA GLY D 186 -35.39 -25.47 -36.35
C GLY D 186 -34.84 -24.07 -36.20
N MET D 187 -35.69 -23.05 -36.39
CA MET D 187 -35.21 -21.67 -36.26
C MET D 187 -34.87 -21.34 -34.81
N TYR D 188 -35.57 -21.95 -33.85
CA TYR D 188 -35.15 -21.83 -32.46
C TYR D 188 -33.82 -22.53 -32.24
N ALA D 189 -33.68 -23.75 -32.78
CA ALA D 189 -32.54 -24.61 -32.48
C ALA D 189 -31.24 -24.01 -32.99
N SER D 190 -31.27 -23.38 -34.15
CA SER D 190 -30.07 -22.72 -34.67
C SER D 190 -29.45 -21.81 -33.62
N SER D 191 -30.20 -20.78 -33.19
CA SER D 191 -29.69 -19.82 -32.24
C SER D 191 -29.40 -20.46 -30.89
N TYR D 192 -30.28 -21.36 -30.43
CA TYR D 192 -30.10 -21.93 -29.09
C TYR D 192 -28.85 -22.79 -29.01
N MET D 193 -28.56 -23.55 -30.06
CA MET D 193 -27.35 -24.37 -30.04
C MET D 193 -26.09 -23.55 -30.34
N ILE D 194 -26.20 -22.44 -31.07
CA ILE D 194 -25.07 -21.52 -31.13
C ILE D 194 -24.76 -20.99 -29.73
N LEU D 195 -25.80 -20.63 -28.97
CA LEU D 195 -25.61 -20.19 -27.59
C LEU D 195 -25.01 -21.29 -26.74
N ALA D 196 -25.46 -22.53 -26.95
CA ALA D 196 -24.91 -23.66 -26.20
C ALA D 196 -23.43 -23.86 -26.51
N MET D 197 -23.05 -23.72 -27.78
CA MET D 197 -21.64 -23.81 -28.13
C MET D 197 -20.83 -22.70 -27.47
N THR D 198 -21.36 -21.49 -27.45
CA THR D 198 -20.65 -20.39 -26.81
C THR D 198 -20.47 -20.63 -25.32
N LEU D 199 -21.52 -21.14 -24.66
CA LEU D 199 -21.42 -21.46 -23.24
C LEU D 199 -20.43 -22.59 -22.99
N ASP D 200 -20.40 -23.59 -23.89
CA ASP D 200 -19.43 -24.66 -23.76
C ASP D 200 -18.00 -24.13 -23.90
N ARG D 201 -17.77 -23.21 -24.83
CA ARG D 201 -16.45 -22.62 -24.97
C ARG D 201 -16.08 -21.82 -23.74
N HIS D 202 -17.03 -21.10 -23.16
CA HIS D 202 -16.77 -20.37 -21.92
C HIS D 202 -16.41 -21.33 -20.80
N ARG D 203 -17.11 -22.45 -20.69
CA ARG D 203 -16.78 -23.46 -19.69
C ARG D 203 -15.37 -24.01 -19.93
N ALA D 204 -15.03 -24.27 -21.18
CA ALA D 204 -13.71 -24.82 -21.50
C ALA D 204 -12.60 -23.84 -21.15
N ILE D 205 -12.82 -22.55 -21.41
CA ILE D 205 -11.78 -21.57 -21.10
C ILE D 205 -11.73 -21.27 -19.61
N CYS D 206 -12.84 -21.45 -18.90
CA CYS D 206 -12.82 -21.26 -17.44
C CYS D 206 -11.95 -22.30 -16.76
N ARG D 207 -12.15 -23.57 -17.09
CA ARG D 207 -11.45 -24.68 -16.45
C ARG D 207 -10.78 -25.51 -17.54
N PRO D 208 -9.47 -25.73 -17.49
CA PRO D 208 -8.78 -26.52 -18.51
C PRO D 208 -8.96 -28.03 -18.36
N ASN D 221 -24.50 -34.94 -24.74
CA ASN D 221 -24.20 -33.63 -24.16
C ASN D 221 -25.46 -32.99 -23.60
N ARG D 222 -25.39 -32.56 -22.34
CA ARG D 222 -26.53 -31.92 -21.70
C ARG D 222 -26.93 -30.60 -22.38
N PRO D 223 -26.01 -29.67 -22.67
CA PRO D 223 -26.46 -28.40 -23.26
C PRO D 223 -27.19 -28.56 -24.59
N VAL D 224 -26.76 -29.50 -25.43
CA VAL D 224 -27.43 -29.73 -26.70
C VAL D 224 -28.86 -30.21 -26.48
N LEU D 225 -29.04 -31.14 -25.53
CA LEU D 225 -30.39 -31.62 -25.23
C LEU D 225 -31.25 -30.51 -24.65
N VAL D 226 -30.66 -29.64 -23.84
CA VAL D 226 -31.41 -28.52 -23.28
C VAL D 226 -31.87 -27.58 -24.38
N ALA D 227 -30.97 -27.27 -25.33
CA ALA D 227 -31.34 -26.42 -26.45
C ALA D 227 -32.43 -27.05 -27.30
N TRP D 228 -32.32 -28.36 -27.55
CA TRP D 228 -33.35 -29.05 -28.33
C TRP D 228 -34.69 -29.03 -27.61
N ALA D 229 -34.68 -29.22 -26.29
CA ALA D 229 -35.92 -29.15 -25.52
C ALA D 229 -36.53 -27.76 -25.58
N PHE D 230 -35.70 -26.72 -25.47
CA PHE D 230 -36.19 -25.36 -25.60
C PHE D 230 -36.83 -25.14 -26.97
N SER D 231 -36.17 -25.60 -28.03
CA SER D 231 -36.72 -25.43 -29.37
C SER D 231 -38.03 -26.17 -29.53
N LEU D 232 -38.12 -27.39 -29.00
CA LEU D 232 -39.35 -28.17 -29.12
C LEU D 232 -40.50 -27.54 -28.36
N LEU D 233 -40.25 -27.07 -27.14
CA LEU D 233 -41.32 -26.60 -26.28
C LEU D 233 -41.74 -25.16 -26.58
N LEU D 234 -40.82 -24.31 -27.06
CA LEU D 234 -41.17 -22.93 -27.36
C LEU D 234 -41.92 -22.78 -28.67
N SER D 235 -41.98 -23.83 -29.49
CA SER D 235 -42.72 -23.80 -30.75
C SER D 235 -44.11 -24.43 -30.62
N LEU D 236 -44.50 -24.83 -29.41
CA LEU D 236 -45.76 -25.54 -29.20
C LEU D 236 -47.00 -24.82 -29.74
N PRO D 237 -47.19 -23.51 -29.52
CA PRO D 237 -48.41 -22.87 -30.02
C PRO D 237 -48.59 -22.96 -31.52
N GLN D 238 -47.56 -23.36 -32.27
CA GLN D 238 -47.72 -23.56 -33.71
C GLN D 238 -48.66 -24.71 -34.04
N LEU D 239 -49.01 -25.55 -33.07
CA LEU D 239 -50.02 -26.58 -33.28
C LEU D 239 -51.43 -26.06 -33.08
N PHE D 240 -51.59 -24.79 -32.72
CA PHE D 240 -52.91 -24.20 -32.52
C PHE D 240 -53.19 -23.02 -33.44
N ILE D 241 -52.16 -22.32 -33.89
CA ILE D 241 -52.38 -21.11 -34.69
C ILE D 241 -52.96 -21.47 -36.06
N PHE D 242 -52.37 -22.46 -36.73
CA PHE D 242 -52.76 -22.80 -38.09
C PHE D 242 -53.78 -23.92 -38.10
N ALA D 243 -54.85 -23.73 -38.86
CA ALA D 243 -55.91 -24.73 -38.95
C ALA D 243 -56.70 -24.55 -40.24
N ASP D 255 -57.01 -26.59 -45.30
CA ASP D 255 -55.96 -25.57 -45.34
C ASP D 255 -55.53 -25.22 -43.91
N CYS D 256 -54.66 -24.23 -43.79
CA CYS D 256 -54.10 -23.84 -42.49
C CYS D 256 -54.10 -22.32 -42.33
N TRP D 257 -55.26 -21.71 -42.58
CA TRP D 257 -55.42 -20.28 -42.34
C TRP D 257 -55.15 -19.95 -40.88
N ALA D 258 -54.10 -19.17 -40.63
CA ALA D 258 -53.69 -18.87 -39.27
C ALA D 258 -54.72 -17.98 -38.57
N CYS D 259 -55.04 -18.32 -37.33
CA CYS D 259 -55.97 -17.52 -36.54
C CYS D 259 -55.26 -16.26 -36.01
N PHE D 260 -56.07 -15.33 -35.49
CA PHE D 260 -55.57 -14.07 -34.97
C PHE D 260 -56.27 -13.73 -33.67
N ALA D 261 -55.58 -12.97 -32.83
CA ALA D 261 -56.16 -12.48 -31.59
C ALA D 261 -57.06 -11.29 -31.86
N GLU D 262 -57.95 -11.02 -30.89
CA GLU D 262 -58.95 -9.98 -31.07
C GLU D 262 -58.33 -8.59 -31.26
N PRO D 263 -57.42 -8.11 -30.39
CA PRO D 263 -56.80 -6.81 -30.66
C PRO D 263 -55.81 -6.88 -31.81
N TRP D 264 -54.94 -7.87 -31.78
CA TRP D 264 -53.98 -8.11 -32.84
C TRP D 264 -53.37 -9.50 -32.65
N GLY D 265 -53.36 -10.29 -33.72
CA GLY D 265 -52.82 -11.64 -33.63
C GLY D 265 -51.35 -11.71 -33.98
N ARG D 266 -50.94 -10.99 -35.03
CA ARG D 266 -49.55 -11.05 -35.46
C ARG D 266 -48.61 -10.32 -34.51
N ARG D 267 -49.08 -9.23 -33.89
CA ARG D 267 -48.18 -8.40 -33.09
C ARG D 267 -47.61 -9.17 -31.91
N THR D 268 -48.47 -9.83 -31.14
CA THR D 268 -48.03 -10.51 -29.92
C THR D 268 -47.03 -11.61 -30.22
N TYR D 269 -47.39 -12.53 -31.14
CA TYR D 269 -46.50 -13.63 -31.43
C TYR D 269 -45.25 -13.18 -32.17
N VAL D 270 -45.35 -12.15 -33.01
CA VAL D 270 -44.17 -11.63 -33.71
C VAL D 270 -43.17 -11.07 -32.71
N THR D 271 -43.64 -10.26 -31.74
CA THR D 271 -42.74 -9.74 -30.72
C THR D 271 -42.20 -10.86 -29.85
N TRP D 272 -43.03 -11.87 -29.55
CA TRP D 272 -42.56 -13.02 -28.78
C TRP D 272 -41.42 -13.74 -29.49
N ILE D 273 -41.60 -13.98 -30.79
CA ILE D 273 -40.58 -14.66 -31.58
C ILE D 273 -39.31 -13.81 -31.65
N ALA D 274 -39.46 -12.51 -31.83
CA ALA D 274 -38.30 -11.63 -31.86
C ALA D 274 -37.53 -11.72 -30.55
N LEU D 275 -38.24 -11.68 -29.42
CA LEU D 275 -37.57 -11.73 -28.13
C LEU D 275 -36.89 -13.08 -27.92
N MET D 276 -37.53 -14.17 -28.30
CA MET D 276 -37.04 -15.50 -27.94
C MET D 276 -36.02 -16.06 -28.91
N VAL D 277 -36.07 -15.70 -30.18
CA VAL D 277 -35.17 -16.25 -31.18
C VAL D 277 -33.96 -15.35 -31.41
N PHE D 278 -34.17 -14.05 -31.48
CA PHE D 278 -33.12 -13.11 -31.87
C PHE D 278 -32.60 -12.24 -30.74
N VAL D 279 -33.48 -11.67 -29.90
CA VAL D 279 -33.03 -10.70 -28.91
C VAL D 279 -32.29 -11.40 -27.78
N ALA D 280 -32.99 -12.26 -27.05
CA ALA D 280 -32.39 -12.90 -25.87
C ALA D 280 -31.21 -13.80 -26.22
N PRO D 281 -31.29 -14.69 -27.22
CA PRO D 281 -30.09 -15.50 -27.54
C PRO D 281 -28.89 -14.67 -27.95
N THR D 282 -29.08 -13.65 -28.79
CA THR D 282 -27.95 -12.83 -29.21
C THR D 282 -27.37 -12.06 -28.04
N LEU D 283 -28.22 -11.53 -27.15
CA LEU D 283 -27.71 -10.82 -25.99
C LEU D 283 -26.92 -11.76 -25.08
N GLY D 284 -27.43 -12.97 -24.86
CA GLY D 284 -26.71 -13.93 -24.05
C GLY D 284 -25.38 -14.33 -24.66
N ILE D 285 -25.36 -14.53 -25.98
CA ILE D 285 -24.12 -14.88 -26.66
C ILE D 285 -23.13 -13.72 -26.58
N ALA D 286 -23.62 -12.49 -26.69
CA ALA D 286 -22.73 -11.34 -26.57
C ALA D 286 -22.13 -11.26 -25.18
N ALA D 287 -22.93 -11.49 -24.14
CA ALA D 287 -22.41 -11.48 -22.77
C ALA D 287 -21.39 -12.59 -22.58
N CYS D 288 -21.68 -13.79 -23.10
CA CYS D 288 -20.76 -14.91 -22.98
C CYS D 288 -19.45 -14.62 -23.72
N GLN D 289 -19.53 -13.99 -24.89
CA GLN D 289 -18.32 -13.62 -25.62
C GLN D 289 -17.53 -12.55 -24.88
N VAL D 290 -18.21 -11.61 -24.23
CA VAL D 290 -17.51 -10.61 -23.45
C VAL D 290 -16.76 -11.27 -22.31
N LEU D 291 -17.41 -12.20 -21.61
CA LEU D 291 -16.74 -12.93 -20.54
C LEU D 291 -15.57 -13.76 -21.07
N ILE D 292 -15.74 -14.37 -22.24
CA ILE D 292 -14.69 -15.18 -22.82
C ILE D 292 -13.47 -14.32 -23.17
N PHE D 293 -13.71 -13.16 -23.77
CA PHE D 293 -12.59 -12.27 -24.10
C PHE D 293 -11.97 -11.69 -22.85
N ARG D 294 -12.74 -11.52 -21.78
CA ARG D 294 -12.16 -11.15 -20.49
C ARG D 294 -11.20 -12.21 -20.01
N GLU D 295 -11.66 -13.48 -19.98
CA GLU D 295 -10.87 -14.53 -19.37
C GLU D 295 -9.66 -14.89 -20.22
N ILE D 296 -9.81 -14.87 -21.54
CA ILE D 296 -8.70 -15.17 -22.44
C ILE D 296 -7.60 -14.12 -22.29
N HIS D 297 -7.98 -12.85 -22.24
CA HIS D 297 -7.01 -11.76 -22.16
C HIS D 297 -6.65 -11.41 -20.73
N ALA D 298 -7.13 -12.17 -19.75
CA ALA D 298 -6.86 -11.87 -18.34
C ALA D 298 -5.41 -12.09 -18.00
N ALA D 328 -2.73 -22.08 -29.54
CA ALA D 328 -3.96 -21.44 -29.04
C ALA D 328 -5.19 -22.07 -29.66
N ALA D 329 -5.40 -23.36 -29.39
CA ALA D 329 -6.56 -24.05 -29.92
C ALA D 329 -7.86 -23.46 -29.37
N VAL D 330 -7.88 -23.14 -28.08
CA VAL D 330 -9.09 -22.58 -27.47
C VAL D 330 -9.40 -21.22 -28.08
N ALA D 331 -8.36 -20.41 -28.33
CA ALA D 331 -8.58 -19.13 -28.98
C ALA D 331 -9.12 -19.33 -30.40
N LYS D 332 -8.61 -20.33 -31.10
CA LYS D 332 -9.10 -20.62 -32.46
C LYS D 332 -10.58 -21.01 -32.43
N THR D 333 -10.96 -21.87 -31.48
CA THR D 333 -12.37 -22.27 -31.39
C THR D 333 -13.25 -21.10 -30.99
N VAL D 334 -12.76 -20.23 -30.11
CA VAL D 334 -13.51 -19.04 -29.73
C VAL D 334 -13.74 -18.14 -30.94
N ARG D 335 -12.68 -17.95 -31.75
CA ARG D 335 -12.84 -17.14 -32.95
C ARG D 335 -13.82 -17.78 -33.93
N MET D 336 -13.78 -19.11 -34.05
CA MET D 336 -14.73 -19.79 -34.92
C MET D 336 -16.17 -19.57 -34.44
N THR D 337 -16.41 -19.68 -33.13
CA THR D 337 -17.74 -19.45 -32.61
C THR D 337 -18.18 -18.00 -32.82
N LEU D 338 -17.25 -17.05 -32.64
CA LEU D 338 -17.57 -15.65 -32.88
C LEU D 338 -17.94 -15.40 -34.33
N VAL D 339 -17.20 -15.99 -35.26
CA VAL D 339 -17.54 -15.84 -36.68
C VAL D 339 -18.90 -16.46 -36.96
N ILE D 340 -19.18 -17.61 -36.36
CA ILE D 340 -20.46 -18.28 -36.58
C ILE D 340 -21.61 -17.39 -36.12
N VAL D 341 -21.49 -16.81 -34.91
CA VAL D 341 -22.58 -16.00 -34.40
C VAL D 341 -22.71 -14.70 -35.19
N VAL D 342 -21.59 -14.13 -35.66
CA VAL D 342 -21.66 -12.94 -36.49
C VAL D 342 -22.39 -13.25 -37.80
N VAL D 343 -22.08 -14.39 -38.42
CA VAL D 343 -22.76 -14.78 -39.64
C VAL D 343 -24.25 -14.98 -39.39
N TYR D 344 -24.60 -15.64 -38.28
CA TYR D 344 -26.00 -15.85 -37.96
C TYR D 344 -26.74 -14.53 -37.79
N VAL D 345 -26.14 -13.60 -37.06
CA VAL D 345 -26.77 -12.30 -36.85
C VAL D 345 -26.96 -11.57 -38.17
N LEU D 346 -25.91 -11.55 -39.00
CA LEU D 346 -25.99 -10.84 -40.27
C LEU D 346 -27.04 -11.46 -41.18
N CYS D 347 -27.17 -12.78 -41.15
CA CYS D 347 -28.14 -13.44 -42.03
C CYS D 347 -29.58 -13.30 -41.54
N TRP D 348 -29.80 -13.28 -40.23
CA TRP D 348 -31.15 -13.34 -39.70
C TRP D 348 -31.72 -12.01 -39.20
N ALA D 349 -30.89 -10.96 -39.06
CA ALA D 349 -31.42 -9.68 -38.59
C ALA D 349 -32.45 -9.08 -39.53
N PRO D 350 -32.23 -8.97 -40.85
CA PRO D 350 -33.24 -8.31 -41.70
C PRO D 350 -34.59 -9.00 -41.68
N PHE D 351 -34.62 -10.33 -41.59
CA PHE D 351 -35.89 -11.04 -41.57
C PHE D 351 -36.72 -10.66 -40.36
N PHE D 352 -36.11 -10.70 -39.18
CA PHE D 352 -36.83 -10.32 -37.97
C PHE D 352 -37.22 -8.85 -38.00
N LEU D 353 -36.33 -7.99 -38.51
CA LEU D 353 -36.67 -6.57 -38.57
C LEU D 353 -37.86 -6.31 -39.48
N VAL D 354 -37.91 -6.97 -40.64
CA VAL D 354 -39.01 -6.75 -41.56
C VAL D 354 -40.29 -7.36 -41.01
N GLN D 355 -40.19 -8.48 -40.27
CA GLN D 355 -41.39 -9.06 -39.67
C GLN D 355 -41.94 -8.18 -38.56
N LEU D 356 -41.06 -7.52 -37.80
CA LEU D 356 -41.50 -6.56 -36.79
C LEU D 356 -42.12 -5.33 -37.43
N TRP D 357 -41.54 -4.85 -38.52
CA TRP D 357 -42.13 -3.71 -39.22
C TRP D 357 -43.51 -4.06 -39.77
N ALA D 358 -43.66 -5.27 -40.32
CA ALA D 358 -44.96 -5.67 -40.80
C ALA D 358 -45.97 -5.76 -39.67
N ALA D 359 -45.51 -6.09 -38.46
CA ALA D 359 -46.40 -6.14 -37.31
C ALA D 359 -46.80 -4.75 -36.83
N TRP D 360 -45.85 -3.82 -36.76
CA TRP D 360 -46.08 -2.51 -36.15
C TRP D 360 -46.35 -1.41 -37.17
N ASP D 361 -46.31 -1.71 -38.46
CA ASP D 361 -46.61 -0.74 -39.52
C ASP D 361 -47.60 -1.36 -40.50
N PRO D 362 -48.88 -1.50 -40.09
CA PRO D 362 -49.90 -2.08 -40.96
C PRO D 362 -50.21 -1.19 -42.16
N PRO D 370 -39.12 -8.01 -52.88
CA PRO D 370 -39.30 -7.45 -51.52
C PRO D 370 -39.12 -8.48 -50.42
N PHE D 371 -39.97 -9.50 -50.41
CA PHE D 371 -39.85 -10.56 -49.39
C PHE D 371 -38.84 -11.62 -49.80
N VAL D 372 -38.78 -11.95 -51.09
CA VAL D 372 -37.96 -13.08 -51.54
C VAL D 372 -36.48 -12.79 -51.35
N LEU D 373 -36.05 -11.54 -51.54
CA LEU D 373 -34.64 -11.21 -51.35
C LEU D 373 -34.21 -11.43 -49.91
N LEU D 374 -35.01 -10.98 -48.95
CA LEU D 374 -34.70 -11.21 -47.55
C LEU D 374 -34.83 -12.69 -47.20
N MET D 375 -35.73 -13.41 -47.87
CA MET D 375 -35.83 -14.85 -47.64
C MET D 375 -34.53 -15.55 -48.05
N LEU D 376 -34.01 -15.20 -49.23
CA LEU D 376 -32.75 -15.79 -49.69
C LEU D 376 -31.58 -15.38 -48.79
N LEU D 377 -31.58 -14.12 -48.34
CA LEU D 377 -30.50 -13.67 -47.47
C LEU D 377 -30.52 -14.40 -46.13
N ALA D 378 -31.72 -14.66 -45.59
CA ALA D 378 -31.82 -15.41 -44.35
C ALA D 378 -31.60 -16.91 -44.55
N SER D 379 -31.69 -17.39 -45.78
CA SER D 379 -31.44 -18.80 -46.07
C SER D 379 -29.97 -19.10 -46.34
N LEU D 380 -29.11 -18.09 -46.31
CA LEU D 380 -27.70 -18.28 -46.64
C LEU D 380 -26.88 -18.79 -45.46
N ASN D 381 -27.39 -18.66 -44.23
CA ASN D 381 -26.61 -19.05 -43.06
C ASN D 381 -26.43 -20.57 -43.00
N SER D 382 -27.46 -21.32 -43.40
CA SER D 382 -27.46 -22.78 -43.25
C SER D 382 -26.35 -23.45 -44.06
N CYS D 383 -25.84 -22.79 -45.09
CA CYS D 383 -24.70 -23.31 -45.84
C CYS D 383 -23.40 -22.61 -45.49
N THR D 384 -23.46 -21.37 -44.97
CA THR D 384 -22.24 -20.66 -44.62
C THR D 384 -21.62 -21.22 -43.34
N ASN D 385 -22.44 -21.63 -42.38
CA ASN D 385 -21.89 -22.15 -41.13
C ASN D 385 -21.04 -23.40 -41.32
N PRO D 386 -21.49 -24.46 -42.02
CA PRO D 386 -20.59 -25.62 -42.22
C PRO D 386 -19.34 -25.27 -42.99
N TRP D 387 -19.44 -24.38 -43.98
CA TRP D 387 -18.28 -24.02 -44.79
C TRP D 387 -17.24 -23.29 -43.94
N ILE D 388 -17.68 -22.34 -43.13
CA ILE D 388 -16.74 -21.59 -42.30
C ILE D 388 -16.14 -22.50 -41.23
N TYR D 389 -16.94 -23.42 -40.69
CA TYR D 389 -16.37 -24.37 -39.73
C TYR D 389 -15.31 -25.23 -40.39
N ALA D 390 -15.58 -25.74 -41.58
CA ALA D 390 -14.60 -26.58 -42.28
C ALA D 390 -13.34 -25.79 -42.58
N SER D 391 -13.47 -24.54 -43.00
CA SER D 391 -12.31 -23.71 -43.26
C SER D 391 -11.56 -23.34 -41.98
N PHE D 392 -12.23 -23.37 -40.83
CA PHE D 392 -11.61 -22.98 -39.57
C PHE D 392 -11.17 -24.15 -38.72
N SER D 393 -11.39 -25.38 -39.17
CA SER D 393 -10.99 -26.58 -38.43
C SER D 393 -9.97 -27.34 -39.27
N SER D 394 -8.81 -27.63 -38.66
CA SER D 394 -7.74 -28.30 -39.39
C SER D 394 -8.07 -29.77 -39.66
N SER D 395 -8.61 -30.47 -38.65
CA SER D 395 -8.89 -31.89 -38.81
C SER D 395 -9.94 -32.13 -39.89
N VAL D 396 -11.01 -31.33 -39.89
CA VAL D 396 -12.05 -31.49 -40.90
C VAL D 396 -11.53 -31.12 -42.27
N SER D 397 -10.71 -30.07 -42.35
CA SER D 397 -10.12 -29.70 -43.64
C SER D 397 -9.26 -30.82 -44.19
N SER D 398 -8.49 -31.49 -43.33
CA SER D 398 -7.67 -32.60 -43.78
C SER D 398 -8.53 -33.78 -44.19
N GLU D 399 -9.57 -34.09 -43.42
CA GLU D 399 -10.40 -35.26 -43.72
C GLU D 399 -11.18 -35.08 -45.02
N LEU D 400 -11.68 -33.87 -45.27
CA LEU D 400 -12.46 -33.64 -46.50
C LEU D 400 -11.63 -33.92 -47.74
N ARG D 401 -10.38 -33.48 -47.76
CA ARG D 401 -9.51 -33.69 -48.91
C ARG D 401 -9.13 -35.16 -49.03
N ALA D 436 -5.88 -15.05 -18.79
CA ALA D 436 -5.01 -16.15 -19.14
C ALA D 436 -3.75 -15.66 -19.83
N ARG D 437 -3.91 -14.70 -20.74
CA ARG D 437 -2.76 -14.27 -21.53
C ARG D 437 -1.77 -13.49 -20.69
N ARG D 438 -2.25 -12.61 -19.82
CA ARG D 438 -1.35 -11.76 -19.05
C ARG D 438 -0.48 -12.59 -18.11
N GLN D 439 -1.05 -13.64 -17.51
CA GLN D 439 -0.26 -14.49 -16.64
C GLN D 439 0.81 -15.23 -17.43
N LEU D 440 0.49 -15.67 -18.64
CA LEU D 440 1.50 -16.30 -19.49
C LEU D 440 2.61 -15.33 -19.84
N ALA D 441 2.27 -14.08 -20.16
CA ALA D 441 3.29 -13.10 -20.46
C ALA D 441 4.18 -12.82 -19.25
N ASP D 442 3.58 -12.73 -18.06
CA ASP D 442 4.36 -12.53 -16.84
C ASP D 442 5.29 -13.72 -16.59
N LEU D 443 4.80 -14.94 -16.80
CA LEU D 443 5.65 -16.11 -16.65
C LEU D 443 6.80 -16.09 -17.63
N GLU D 444 6.53 -15.70 -18.89
CA GLU D 444 7.60 -15.64 -19.89
C GLU D 444 8.65 -14.60 -19.49
N ASP D 445 8.22 -13.43 -19.00
CA ASP D 445 9.16 -12.41 -18.57
C ASP D 445 10.00 -12.89 -17.40
N ASN D 446 9.37 -13.55 -16.42
CA ASN D 446 10.11 -14.05 -15.27
C ASN D 446 11.11 -15.13 -15.70
N TRP D 447 10.71 -16.01 -16.62
CA TRP D 447 11.60 -17.07 -17.08
C TRP D 447 12.78 -16.50 -17.87
N GLU D 448 12.54 -15.47 -18.69
CA GLU D 448 13.67 -14.86 -19.40
C GLU D 448 14.59 -14.12 -18.45
N THR D 449 14.04 -13.51 -17.39
CA THR D 449 14.89 -12.91 -16.37
C THR D 449 15.73 -13.98 -15.66
N LEU D 450 15.12 -15.13 -15.37
CA LEU D 450 15.88 -16.23 -14.78
C LEU D 450 16.99 -16.71 -15.69
N ASN D 451 16.72 -16.79 -16.99
CA ASN D 451 17.75 -17.22 -17.94
C ASN D 451 18.88 -16.20 -18.02
N ASP D 452 18.54 -14.91 -18.02
CA ASP D 452 19.58 -13.87 -18.03
C ASP D 452 20.43 -13.94 -16.77
N ASN D 453 19.80 -14.15 -15.62
CA ASN D 453 20.55 -14.30 -14.39
C ASN D 453 21.43 -15.55 -14.40
N LEU D 454 20.95 -16.64 -15.01
CA LEU D 454 21.79 -17.82 -15.19
C LEU D 454 23.01 -17.50 -16.03
N LYS D 455 22.82 -16.76 -17.12
CA LYS D 455 23.94 -16.38 -17.97
C LYS D 455 24.93 -15.50 -17.20
N VAL D 456 24.43 -14.58 -16.38
CA VAL D 456 25.31 -13.77 -15.55
C VAL D 456 26.08 -14.64 -14.57
N ILE D 457 25.41 -15.61 -13.95
CA ILE D 457 26.05 -16.48 -12.98
C ILE D 457 27.18 -17.27 -13.62
N GLU D 458 26.93 -17.83 -14.80
CA GLU D 458 27.94 -18.67 -15.44
C GLU D 458 29.18 -17.87 -15.83
N LYS D 459 29.03 -16.57 -16.07
CA LYS D 459 30.16 -15.71 -16.40
C LYS D 459 30.67 -14.93 -15.20
N ALA D 460 30.11 -15.15 -14.00
CA ALA D 460 30.51 -14.39 -12.83
C ALA D 460 31.92 -14.77 -12.39
N ASP D 461 32.59 -13.81 -11.74
CA ASP D 461 33.96 -13.99 -11.26
C ASP D 461 34.07 -14.08 -9.75
N ASN D 462 33.27 -13.31 -9.02
CA ASN D 462 33.34 -13.27 -7.56
C ASN D 462 32.00 -13.63 -6.95
N ALA D 463 31.95 -13.62 -5.62
CA ALA D 463 30.74 -14.04 -4.91
C ALA D 463 29.65 -12.98 -4.94
N ALA D 464 30.02 -11.70 -5.01
CA ALA D 464 29.02 -10.62 -4.98
C ALA D 464 28.11 -10.68 -6.21
N GLN D 465 28.70 -10.89 -7.39
CA GLN D 465 27.90 -10.98 -8.61
C GLN D 465 26.96 -12.18 -8.56
N VAL D 466 27.45 -13.31 -8.06
CA VAL D 466 26.61 -14.49 -7.93
C VAL D 466 25.46 -14.23 -6.97
N LYS D 467 25.75 -13.57 -5.85
CA LYS D 467 24.71 -13.26 -4.87
C LYS D 467 23.65 -12.34 -5.45
N ASP D 468 24.08 -11.30 -6.17
CA ASP D 468 23.12 -10.37 -6.78
C ASP D 468 22.26 -11.07 -7.84
N ALA D 469 22.90 -11.88 -8.69
CA ALA D 469 22.16 -12.60 -9.71
C ALA D 469 21.16 -13.57 -9.08
N LEU D 470 21.55 -14.24 -8.00
CA LEU D 470 20.63 -15.16 -7.33
C LEU D 470 19.52 -14.43 -6.60
N THR D 471 19.79 -13.21 -6.11
CA THR D 471 18.71 -12.40 -5.54
C THR D 471 17.68 -12.06 -6.59
N LYS D 472 18.13 -11.65 -7.78
CA LYS D 472 17.21 -11.42 -8.88
C LYS D 472 16.48 -12.70 -9.26
N MET D 473 17.19 -13.84 -9.22
CA MET D 473 16.57 -15.14 -9.50
C MET D 473 15.44 -15.42 -8.52
N ARG D 474 15.69 -15.20 -7.23
CA ARG D 474 14.66 -15.47 -6.23
C ARG D 474 13.46 -14.57 -6.41
N ALA D 475 13.71 -13.28 -6.70
CA ALA D 475 12.59 -12.36 -6.94
C ALA D 475 11.76 -12.81 -8.14
N ALA D 476 12.43 -13.17 -9.23
CA ALA D 476 11.71 -13.62 -10.43
C ALA D 476 10.96 -14.92 -10.17
N ALA D 477 11.56 -15.84 -9.42
CA ALA D 477 10.90 -17.10 -9.11
C ALA D 477 9.65 -16.88 -8.27
N LEU D 478 9.73 -16.00 -7.26
CA LEU D 478 8.56 -15.69 -6.47
C LEU D 478 7.47 -15.06 -7.32
N ASP D 479 7.84 -14.10 -8.18
CA ASP D 479 6.85 -13.44 -9.02
C ASP D 479 6.19 -14.43 -9.97
N ALA D 480 6.97 -15.35 -10.54
CA ALA D 480 6.39 -16.34 -11.45
C ALA D 480 5.51 -17.34 -10.70
N GLN D 481 5.93 -17.75 -9.50
CA GLN D 481 5.11 -18.65 -8.70
C GLN D 481 3.79 -17.98 -8.32
N LYS D 482 3.79 -16.65 -8.20
CA LYS D 482 2.53 -15.94 -7.99
C LYS D 482 1.58 -16.14 -9.17
N ALA D 483 2.10 -16.07 -10.39
CA ALA D 483 1.25 -16.18 -11.58
C ALA D 483 0.65 -17.57 -11.72
N THR D 484 -0.53 -17.64 -12.31
CA THR D 484 -1.23 -18.89 -12.55
C THR D 484 -1.14 -19.25 -14.02
N PRO D 485 -0.50 -20.37 -14.40
CA PRO D 485 -0.39 -20.78 -15.80
C PRO D 485 -1.72 -21.20 -16.42
N MET D 498 -2.22 -26.99 -10.36
CA MET D 498 -1.28 -25.93 -10.04
C MET D 498 -0.31 -26.40 -8.95
N LYS D 499 -0.62 -27.56 -8.35
CA LYS D 499 0.24 -28.10 -7.31
C LYS D 499 1.63 -28.43 -7.83
N ASP D 500 1.70 -29.04 -9.02
CA ASP D 500 3.00 -29.36 -9.61
C ASP D 500 3.76 -28.08 -9.98
N PHE D 501 3.05 -27.06 -10.47
CA PHE D 501 3.68 -25.78 -10.80
C PHE D 501 4.33 -25.17 -9.56
N ARG D 502 3.57 -25.09 -8.46
CA ARG D 502 4.10 -24.51 -7.24
C ARG D 502 5.21 -25.38 -6.65
N HIS D 503 5.10 -26.70 -6.77
CA HIS D 503 6.16 -27.58 -6.28
C HIS D 503 7.45 -27.38 -7.07
N GLY D 504 7.36 -27.26 -8.40
CA GLY D 504 8.54 -26.99 -9.18
C GLY D 504 9.17 -25.66 -8.87
N PHE D 505 8.34 -24.63 -8.64
CA PHE D 505 8.91 -23.34 -8.27
C PHE D 505 9.49 -23.35 -6.86
N ASP D 506 8.92 -24.17 -5.97
CA ASP D 506 9.54 -24.36 -4.67
C ASP D 506 10.91 -25.01 -4.81
N ILE D 507 11.03 -25.99 -5.71
CA ILE D 507 12.34 -26.60 -5.98
C ILE D 507 13.31 -25.56 -6.52
N LEU D 508 12.83 -24.72 -7.44
CA LEU D 508 13.69 -23.67 -7.99
C LEU D 508 14.16 -22.72 -6.90
N VAL D 509 13.26 -22.29 -6.02
CA VAL D 509 13.63 -21.37 -4.94
C VAL D 509 14.60 -22.05 -3.99
N GLY D 510 14.40 -23.33 -3.71
CA GLY D 510 15.33 -24.05 -2.86
C GLY D 510 16.72 -24.15 -3.44
N GLN D 511 16.81 -24.42 -4.75
CA GLN D 511 18.11 -24.43 -5.41
C GLN D 511 18.75 -23.05 -5.39
N ILE D 512 17.95 -22.00 -5.59
CA ILE D 512 18.48 -20.63 -5.53
C ILE D 512 19.00 -20.34 -4.14
N ASP D 513 18.28 -20.77 -3.09
CA ASP D 513 18.72 -20.56 -1.73
C ASP D 513 20.01 -21.31 -1.44
N ASP D 514 20.13 -22.56 -1.94
CA ASP D 514 21.35 -23.31 -1.75
C ASP D 514 22.53 -22.62 -2.42
N ALA D 515 22.33 -22.13 -3.65
CA ALA D 515 23.40 -21.41 -4.34
C ALA D 515 23.75 -20.12 -3.62
N LEU D 516 22.75 -19.44 -3.06
CA LEU D 516 23.02 -18.23 -2.27
C LEU D 516 23.85 -18.56 -1.04
N LYS D 517 23.53 -19.66 -0.36
CA LYS D 517 24.33 -20.09 0.80
C LYS D 517 25.76 -20.38 0.39
N LEU D 518 25.94 -21.11 -0.72
CA LEU D 518 27.29 -21.43 -1.19
C LEU D 518 28.06 -20.17 -1.56
N ALA D 519 27.40 -19.19 -2.17
CA ALA D 519 28.06 -17.94 -2.49
C ALA D 519 28.39 -17.14 -1.24
N ASN D 520 27.53 -17.21 -0.21
CA ASN D 520 27.85 -16.57 1.07
C ASN D 520 29.09 -17.20 1.70
N GLU D 521 29.28 -18.51 1.51
CA GLU D 521 30.48 -19.17 2.02
C GLU D 521 31.71 -18.88 1.18
N GLY D 522 31.58 -18.16 0.07
CA GLY D 522 32.70 -17.87 -0.80
C GLY D 522 33.00 -18.91 -1.84
N LYS D 523 32.25 -20.01 -1.88
CA LYS D 523 32.46 -21.08 -2.85
C LYS D 523 31.75 -20.71 -4.15
N VAL D 524 32.41 -19.86 -4.94
CA VAL D 524 31.81 -19.35 -6.16
C VAL D 524 31.61 -20.48 -7.17
N LYS D 525 32.64 -21.30 -7.38
CA LYS D 525 32.54 -22.38 -8.36
C LYS D 525 31.50 -23.42 -7.93
N GLU D 526 31.48 -23.77 -6.64
CA GLU D 526 30.46 -24.69 -6.14
C GLU D 526 29.07 -24.10 -6.27
N ALA D 527 28.93 -22.79 -6.03
CA ALA D 527 27.64 -22.13 -6.21
C ALA D 527 27.19 -22.20 -7.66
N GLN D 528 28.11 -21.97 -8.61
CA GLN D 528 27.75 -22.08 -10.03
C GLN D 528 27.37 -23.51 -10.39
N ALA D 529 28.10 -24.50 -9.86
CA ALA D 529 27.75 -25.89 -10.12
C ALA D 529 26.37 -26.23 -9.59
N ALA D 530 26.03 -25.74 -8.39
CA ALA D 530 24.70 -25.98 -7.84
C ALA D 530 23.64 -25.26 -8.66
N ALA D 531 23.90 -24.02 -9.08
CA ALA D 531 22.95 -23.28 -9.90
C ALA D 531 22.78 -23.89 -11.29
N GLU D 532 23.73 -24.71 -11.73
CA GLU D 532 23.56 -25.41 -13.00
C GLU D 532 22.35 -26.33 -12.98
N GLN D 533 21.96 -26.81 -11.79
CA GLN D 533 20.76 -27.62 -11.66
C GLN D 533 19.49 -26.82 -11.93
N LEU D 534 19.57 -25.49 -11.87
CA LEU D 534 18.42 -24.68 -12.24
C LEU D 534 18.06 -24.85 -13.70
N LYS D 535 19.05 -25.06 -14.57
CA LYS D 535 18.76 -25.35 -15.97
C LYS D 535 18.01 -26.67 -16.11
N THR D 536 18.41 -27.70 -15.36
CA THR D 536 17.71 -28.97 -15.42
C THR D 536 16.27 -28.82 -14.94
N THR D 537 16.07 -28.11 -13.82
CA THR D 537 14.72 -27.89 -13.32
C THR D 537 13.88 -27.10 -14.31
N ARG D 538 14.49 -26.09 -14.95
CA ARG D 538 13.80 -25.32 -15.97
C ARG D 538 13.35 -26.20 -17.12
N ASN D 539 14.27 -26.98 -17.69
CA ASN D 539 13.92 -27.86 -18.79
C ASN D 539 12.87 -28.89 -18.36
N ALA D 540 12.85 -29.26 -17.09
CA ALA D 540 11.88 -30.23 -16.61
C ALA D 540 10.48 -29.64 -16.54
N TYR D 541 10.35 -28.44 -15.96
CA TYR D 541 9.03 -27.91 -15.65
C TYR D 541 8.65 -26.64 -16.39
N ILE D 542 9.56 -25.68 -16.49
CA ILE D 542 9.25 -24.40 -17.11
C ILE D 542 8.90 -24.59 -18.58
N GLN D 543 9.69 -25.39 -19.29
CA GLN D 543 9.41 -25.66 -20.70
C GLN D 543 8.11 -26.44 -20.86
N LYS D 544 7.86 -27.40 -19.97
CA LYS D 544 6.62 -28.17 -20.05
C LYS D 544 5.41 -27.27 -19.89
N TYR D 545 5.46 -26.34 -18.93
CA TYR D 545 4.34 -25.41 -18.73
C TYR D 545 4.27 -24.32 -19.78
N LEU D 546 5.40 -24.00 -20.43
CA LEU D 546 5.37 -23.06 -21.55
C LEU D 546 4.78 -23.71 -22.79
N ARG D 547 4.92 -25.04 -22.92
CA ARG D 547 4.27 -25.76 -24.00
C ARG D 547 2.75 -25.74 -23.88
N ALA D 548 2.21 -25.33 -22.73
CA ALA D 548 0.77 -25.15 -22.58
C ALA D 548 0.23 -23.98 -23.40
N ARG D 549 1.11 -23.14 -23.95
CA ARG D 549 0.65 -22.09 -24.85
C ARG D 549 -0.02 -22.67 -26.09
N SER D 550 0.36 -23.88 -26.48
CA SER D 550 -0.30 -24.53 -27.61
C SER D 550 -1.78 -24.74 -27.33
N THR D 551 -2.17 -24.86 -26.06
CA THR D 551 -3.57 -24.99 -25.74
C THR D 551 -4.25 -23.62 -25.72
N LEU D 552 -3.86 -22.77 -24.77
CA LEU D 552 -4.34 -21.39 -24.64
C LEU D 552 -5.81 -21.20 -25.00
C10 A1IT8 E . -45.52 -18.70 -37.80
C11 A1IT8 E . -44.21 -15.89 -38.48
C12 A1IT8 E . -43.72 -17.19 -38.58
C13 A1IT8 E . -44.72 -18.88 -40.09
C14 A1IT8 E . -43.31 -14.85 -38.22
C15 A1IT8 E . -42.37 -17.45 -38.44
C16 A1IT8 E . -43.44 -19.12 -40.85
C07 A1IT8 E . -46.68 -16.41 -37.88
C08 A1IT8 E . -46.11 -17.53 -37.03
C09 A1IT8 E . -45.65 -15.54 -38.59
C17 A1IT8 E . -41.98 -15.13 -38.07
C18 A1IT8 E . -41.49 -16.42 -38.18
C19 A1IT8 E . -42.57 -20.15 -40.49
C20 A1IT8 E . -43.10 -18.24 -41.90
C21 A1IT8 E . -41.38 -20.28 -41.18
C22 A1IT8 E . -41.03 -19.42 -42.22
C23 A1IT8 E . -41.90 -18.40 -42.57
C24 A1IT8 E . -42.90 -21.13 -39.40
C25 A1IT8 E . -39.13 -18.77 -43.69
C26 A1IT8 E . -37.83 -19.28 -44.23
C27 A1IT8 E . -36.61 -18.88 -43.65
C28 A1IT8 E . -37.85 -20.20 -45.28
C29 A1IT8 E . -35.44 -19.42 -44.18
C30 A1IT8 E . -36.56 -18.01 -42.42
C31 A1IT8 E . -36.66 -20.71 -45.77
C32 A1IT8 E . -35.46 -20.32 -45.22
N05 A1IT8 E . -44.62 -18.27 -38.88
N06 A1IT8 E . -39.79 -19.62 -42.88
O02 A1IT8 E . -45.82 -14.23 -38.04
O03 A1IT8 E . -45.78 -19.22 -40.56
O04 A1IT8 E . -39.52 -17.64 -43.98
CL01 A1IT8 E . -40.88 -13.82 -37.76
#